data_5CNI
#
_entry.id   5CNI
#
_cell.length_a   156.079
_cell.length_b   79.332
_cell.length_c   93.603
_cell.angle_alpha   90.000
_cell.angle_beta   90.000
_cell.angle_gamma   90.000
#
_symmetry.space_group_name_H-M   'P 21 21 2'
#
loop_
_entity.id
_entity.type
_entity.pdbx_description
1 polymer 'Metabotropic glutamate receptor 2'
2 non-polymer 'GLUTAMIC ACID'
3 non-polymer 'CHLORIDE ION'
4 non-polymer 'SODIUM ION'
5 non-polymer 2-acetamido-2-deoxy-beta-D-glucopyranose
6 water water
#
_entity_poly.entity_id   1
_entity_poly.type   'polypeptide(L)'
_entity_poly.pdbx_seq_one_letter_code
;MALGSLLALLALLLLWGAVAEGPAKKVLTLEGDLVLGGLFPVHQKGGPAEDCGPVNEHRGIQRLEAMLFALDRINRDPHL
LPGVRLGAHILDSCSKDTHALEQALDFVRASLSRGADGSRHICPDGSYATHGDAPTAITGVIGGSYSDVSIQVANLLRLF
QIPQISYASTSAKLSDKSRYDYFARTVPPDFFQAKAMAEILRFFNWTYVSTVASEGDYGETGIEAFELEARARNISVATS
EKVGRAMSRAAFEGVVRALLQKPSARVAVLFTRSEDARELLAASQRLNASFTWVASDGWGALEEVVAGSEGAAEGAITIE
LASYPISDFASYFQSLDPWNNSRNPWFREFWEQRFRCSFRQRDCAAHSLRAVPFEQESKIMFVVNAVYAMAHALHNMHRA
LCPNTTRLCDAMRPVNGRRLYKDFVLNVKFDAPFRPADTHNEVRFDRFGDGIGRYNIFTYLRAGSGRYRYQKVGYWAEGL
TLDTSLIPWASPSAGEGHHHHHH
;
_entity_poly.pdbx_strand_id   A,B
#
# COMPACT_ATOMS: atom_id res chain seq x y z
N LYS A 25 -8.98 21.70 4.79
CA LYS A 25 -10.01 22.73 4.63
C LYS A 25 -9.75 23.69 3.44
N LYS A 26 -8.65 24.49 3.50
CA LYS A 26 -8.29 25.47 2.47
C LYS A 26 -7.73 24.81 1.22
N VAL A 27 -7.94 25.49 0.09
CA VAL A 27 -7.50 25.10 -1.26
C VAL A 27 -6.99 26.35 -1.99
N LEU A 28 -5.86 26.21 -2.73
CA LEU A 28 -5.25 27.26 -3.52
C LEU A 28 -5.73 27.06 -4.92
N THR A 29 -6.59 27.97 -5.37
CA THR A 29 -7.14 27.95 -6.72
C THR A 29 -6.58 29.15 -7.45
N LEU A 30 -6.20 28.92 -8.72
CA LEU A 30 -5.73 29.88 -9.71
C LEU A 30 -6.42 29.45 -10.98
N GLU A 31 -6.95 30.41 -11.74
CA GLU A 31 -7.74 30.11 -12.93
C GLU A 31 -6.89 30.01 -14.22
N GLY A 32 -7.38 29.20 -15.15
CA GLY A 32 -6.76 28.97 -16.45
C GLY A 32 -7.52 27.98 -17.32
N ASP A 33 -7.15 27.93 -18.59
CA ASP A 33 -7.70 27.04 -19.64
C ASP A 33 -7.49 25.56 -19.30
N LEU A 34 -6.31 25.22 -18.73
CA LEU A 34 -5.93 23.89 -18.25
C LEU A 34 -5.52 24.10 -16.83
N VAL A 35 -6.04 23.28 -15.92
CA VAL A 35 -5.76 23.40 -14.49
C VAL A 35 -4.86 22.27 -13.98
N LEU A 36 -3.73 22.63 -13.43
CA LEU A 36 -2.82 21.67 -12.84
C LEU A 36 -3.08 21.50 -11.35
N GLY A 37 -3.18 20.24 -10.93
CA GLY A 37 -3.33 19.88 -9.52
C GLY A 37 -1.97 19.95 -8.85
N GLY A 38 -1.96 20.13 -7.55
CA GLY A 38 -0.74 20.25 -6.76
C GLY A 38 -0.94 19.66 -5.39
N LEU A 39 0.10 19.01 -4.85
CA LEU A 39 0.06 18.38 -3.54
C LEU A 39 1.37 18.59 -2.84
N PHE A 40 1.27 19.23 -1.66
CA PHE A 40 2.41 19.65 -0.84
C PHE A 40 2.17 19.37 0.62
N PRO A 41 3.20 18.97 1.39
CA PRO A 41 2.98 18.79 2.84
C PRO A 41 3.06 20.16 3.50
N VAL A 42 2.14 21.07 3.13
CA VAL A 42 2.12 22.45 3.65
C VAL A 42 2.20 22.40 5.18
N HIS A 43 1.45 21.46 5.79
CA HIS A 43 1.47 21.21 7.23
C HIS A 43 2.10 19.90 7.57
N GLN A 44 2.62 19.81 8.79
CA GLN A 44 3.18 18.60 9.37
C GLN A 44 2.01 17.76 9.85
N LYS A 45 2.31 16.51 10.27
CA LYS A 45 1.30 15.60 10.78
C LYS A 45 0.65 16.19 12.05
N GLY A 46 -0.67 16.03 12.15
CA GLY A 46 -1.45 16.51 13.29
C GLY A 46 -1.18 15.70 14.54
N GLY A 47 -1.83 16.10 15.63
CA GLY A 47 -1.69 15.46 16.94
C GLY A 47 -2.35 14.09 17.03
N PRO A 48 -2.81 13.67 18.23
CA PRO A 48 -3.48 12.36 18.34
C PRO A 48 -4.88 12.37 17.74
N ALA A 49 -5.52 13.57 17.64
CA ALA A 49 -6.87 13.75 17.09
C ALA A 49 -6.92 14.67 15.88
N GLU A 50 -6.08 15.74 15.88
CA GLU A 50 -5.97 16.73 14.79
C GLU A 50 -5.37 16.08 13.55
N ASP A 51 -5.89 16.40 12.35
CA ASP A 51 -5.39 15.81 11.11
C ASP A 51 -4.15 16.54 10.60
N CYS A 52 -4.08 17.87 10.86
CA CYS A 52 -2.97 18.74 10.47
C CYS A 52 -2.27 19.39 11.66
N GLY A 53 -0.94 19.43 11.58
CA GLY A 53 -0.08 20.02 12.61
C GLY A 53 0.46 21.38 12.23
N PRO A 54 1.70 21.71 12.63
CA PRO A 54 2.24 23.05 12.29
C PRO A 54 2.76 23.19 10.88
N VAL A 55 2.93 24.43 10.41
CA VAL A 55 3.42 24.75 9.07
C VAL A 55 4.83 24.18 8.82
N ASN A 56 5.04 23.61 7.63
CA ASN A 56 6.31 23.08 7.20
C ASN A 56 6.91 24.19 6.34
N GLU A 57 7.83 24.96 6.91
CA GLU A 57 8.45 26.09 6.21
C GLU A 57 9.16 25.67 4.89
N HIS A 58 10.09 24.70 4.94
CA HIS A 58 10.91 24.32 3.79
C HIS A 58 10.27 23.40 2.82
N ARG A 59 9.86 22.22 3.29
CA ARG A 59 9.30 21.25 2.37
C ARG A 59 7.81 21.48 2.07
N GLY A 60 7.21 22.50 2.69
CA GLY A 60 5.82 22.87 2.45
C GLY A 60 5.74 24.15 1.66
N ILE A 61 5.91 25.26 2.37
CA ILE A 61 5.80 26.64 1.86
C ILE A 61 6.70 26.91 0.67
N GLN A 62 8.02 26.71 0.85
CA GLN A 62 8.97 26.93 -0.24
C GLN A 62 8.65 26.07 -1.47
N ARG A 63 8.35 24.78 -1.25
CA ARG A 63 8.02 23.87 -2.33
C ARG A 63 6.77 24.28 -3.07
N LEU A 64 5.70 24.65 -2.33
CA LEU A 64 4.44 25.09 -2.97
C LEU A 64 4.68 26.39 -3.78
N GLU A 65 5.36 27.39 -3.17
CA GLU A 65 5.70 28.68 -3.77
C GLU A 65 6.45 28.50 -5.04
N ALA A 66 7.36 27.51 -5.08
CA ALA A 66 8.14 27.10 -6.26
C ALA A 66 7.20 26.64 -7.41
N MET A 67 6.05 25.98 -7.10
CA MET A 67 5.10 25.63 -8.15
C MET A 67 4.45 26.90 -8.70
N LEU A 68 4.13 27.85 -7.79
CA LEU A 68 3.53 29.16 -8.15
C LEU A 68 4.49 30.00 -9.02
N PHE A 69 5.76 30.04 -8.65
CA PHE A 69 6.84 30.72 -9.38
C PHE A 69 6.91 30.16 -10.81
N ALA A 70 7.06 28.82 -10.93
CA ALA A 70 7.12 28.09 -12.20
C ALA A 70 5.91 28.39 -13.08
N LEU A 71 4.69 28.31 -12.53
CA LEU A 71 3.44 28.61 -13.24
C LEU A 71 3.46 30.04 -13.76
N ASP A 72 3.78 31.01 -12.88
CA ASP A 72 3.92 32.43 -13.24
C ASP A 72 4.84 32.59 -14.47
N ARG A 73 6.02 31.93 -14.46
CA ARG A 73 6.97 32.01 -15.57
C ARG A 73 6.48 31.34 -16.83
N ILE A 74 5.81 30.19 -16.73
CA ILE A 74 5.19 29.49 -17.87
C ILE A 74 4.08 30.38 -18.54
N ASN A 75 3.33 31.14 -17.73
CA ASN A 75 2.25 32.02 -18.21
C ASN A 75 2.74 33.36 -18.78
N ARG A 76 4.05 33.63 -18.70
CA ARG A 76 4.72 34.82 -19.25
C ARG A 76 5.65 34.34 -20.36
N ASP A 77 5.59 33.02 -20.71
CA ASP A 77 6.50 32.42 -21.70
C ASP A 77 5.88 32.32 -23.09
N PRO A 78 6.46 33.05 -24.08
CA PRO A 78 5.94 32.99 -25.45
C PRO A 78 6.27 31.69 -26.20
N HIS A 79 7.17 30.88 -25.65
CA HIS A 79 7.59 29.62 -26.24
C HIS A 79 6.91 28.44 -25.56
N LEU A 80 6.29 28.67 -24.39
CA LEU A 80 5.62 27.62 -23.62
C LEU A 80 4.13 27.93 -23.46
N LEU A 81 3.29 27.16 -24.19
CA LEU A 81 1.83 27.31 -24.27
C LEU A 81 1.47 28.81 -24.38
N PRO A 82 1.91 29.52 -25.47
CA PRO A 82 1.65 30.96 -25.55
C PRO A 82 0.17 31.40 -25.49
N GLY A 83 -0.75 30.55 -25.93
CA GLY A 83 -2.17 30.91 -25.89
C GLY A 83 -3.02 30.18 -24.87
N VAL A 84 -2.40 29.30 -24.06
CA VAL A 84 -3.09 28.49 -23.04
C VAL A 84 -2.53 28.84 -21.65
N ARG A 85 -3.39 29.36 -20.74
CA ARG A 85 -3.06 29.71 -19.35
C ARG A 85 -3.18 28.42 -18.52
N LEU A 86 -2.15 28.19 -17.67
CA LEU A 86 -2.12 27.04 -16.78
C LEU A 86 -2.55 27.51 -15.41
N GLY A 87 -3.71 27.03 -14.98
CA GLY A 87 -4.21 27.29 -13.64
C GLY A 87 -3.62 26.29 -12.66
N ALA A 88 -4.06 26.36 -11.41
CA ALA A 88 -3.59 25.48 -10.36
C ALA A 88 -4.71 25.20 -9.37
N HIS A 89 -4.71 24.00 -8.78
CA HIS A 89 -5.66 23.60 -7.74
C HIS A 89 -4.81 22.82 -6.79
N ILE A 90 -4.19 23.54 -5.85
CA ILE A 90 -3.19 23.02 -4.91
C ILE A 90 -3.78 22.66 -3.56
N LEU A 91 -3.37 21.48 -3.03
CA LEU A 91 -3.84 20.90 -1.78
C LEU A 91 -2.75 20.60 -0.78
N ASP A 92 -3.10 20.67 0.50
CA ASP A 92 -2.18 20.34 1.57
C ASP A 92 -2.40 18.85 1.88
N SER A 93 -1.31 18.08 1.96
CA SER A 93 -1.40 16.66 2.29
C SER A 93 -1.41 16.50 3.81
N CYS A 94 -0.87 17.49 4.56
CA CYS A 94 -0.68 17.47 6.03
C CYS A 94 0.24 16.33 6.41
N SER A 95 1.21 15.99 5.50
CA SER A 95 2.22 14.91 5.62
C SER A 95 1.55 13.60 6.03
N LYS A 96 0.36 13.30 5.45
CA LYS A 96 -0.45 12.15 5.84
C LYS A 96 -1.26 11.63 4.67
N ASP A 97 -0.99 10.36 4.27
CA ASP A 97 -1.62 9.63 3.15
C ASP A 97 -3.16 9.64 3.20
N THR A 98 -3.74 9.49 4.42
CA THR A 98 -5.19 9.50 4.61
C THR A 98 -5.76 10.87 4.35
N HIS A 99 -5.13 11.94 4.91
CA HIS A 99 -5.58 13.32 4.68
C HIS A 99 -5.44 13.64 3.20
N ALA A 100 -4.22 13.40 2.62
CA ALA A 100 -3.96 13.64 1.21
C ALA A 100 -5.02 13.00 0.27
N LEU A 101 -5.47 11.79 0.57
CA LEU A 101 -6.41 11.08 -0.27
C LEU A 101 -7.83 11.68 -0.21
N GLU A 102 -8.30 12.16 0.97
CA GLU A 102 -9.60 12.84 1.11
C GLU A 102 -9.54 14.11 0.28
N GLN A 103 -8.42 14.85 0.40
CA GLN A 103 -8.15 16.08 -0.36
C GLN A 103 -8.12 15.81 -1.86
N ALA A 104 -7.45 14.71 -2.29
CA ALA A 104 -7.29 14.31 -3.69
C ALA A 104 -8.60 14.03 -4.43
N LEU A 105 -9.71 13.80 -3.69
CA LEU A 105 -11.03 13.61 -4.29
C LEU A 105 -11.41 14.83 -5.14
N ASP A 106 -10.91 16.06 -4.74
CA ASP A 106 -11.08 17.33 -5.47
C ASP A 106 -10.55 17.26 -6.92
N PHE A 107 -9.53 16.43 -7.19
CA PHE A 107 -8.93 16.27 -8.51
C PHE A 107 -9.76 15.40 -9.39
N VAL A 108 -10.54 14.50 -8.80
CA VAL A 108 -11.30 13.50 -9.56
C VAL A 108 -12.80 13.74 -9.56
N ARG A 109 -13.33 14.63 -8.67
CA ARG A 109 -14.78 14.89 -8.55
C ARG A 109 -15.48 15.31 -9.87
N ALA A 110 -14.81 16.07 -10.74
CA ALA A 110 -15.41 16.45 -12.04
C ALA A 110 -15.36 15.28 -13.05
N SER A 111 -15.74 14.05 -12.61
CA SER A 111 -15.74 12.80 -13.39
C SER A 111 -16.76 11.79 -12.85
N THR A 136 -14.67 21.51 -12.26
CA THR A 136 -13.49 21.89 -13.06
C THR A 136 -12.47 20.73 -13.14
N ALA A 137 -12.25 20.25 -14.38
CA ALA A 137 -11.34 19.17 -14.75
C ALA A 137 -9.88 19.48 -14.43
N ILE A 138 -9.16 18.45 -13.92
CA ILE A 138 -7.74 18.53 -13.58
C ILE A 138 -6.99 17.83 -14.70
N THR A 139 -6.02 18.52 -15.32
CA THR A 139 -5.30 17.91 -16.45
C THR A 139 -4.20 16.93 -15.97
N GLY A 140 -3.49 17.32 -14.92
CA GLY A 140 -2.40 16.54 -14.36
C GLY A 140 -2.05 17.04 -12.98
N VAL A 141 -1.39 16.18 -12.18
CA VAL A 141 -1.05 16.52 -10.81
C VAL A 141 0.46 16.63 -10.56
N ILE A 142 0.86 17.65 -9.81
CA ILE A 142 2.24 17.86 -9.38
C ILE A 142 2.32 17.43 -7.91
N GLY A 143 3.02 16.32 -7.64
CA GLY A 143 3.22 15.83 -6.29
C GLY A 143 2.91 14.35 -6.04
N GLY A 144 2.95 13.93 -4.78
CA GLY A 144 3.32 14.77 -3.64
C GLY A 144 4.77 14.61 -3.25
N SER A 145 5.06 14.75 -1.98
CA SER A 145 6.42 14.66 -1.47
C SER A 145 6.70 13.26 -0.95
N TYR A 146 5.97 12.87 0.09
CA TYR A 146 6.06 11.56 0.75
C TYR A 146 5.58 10.49 -0.21
N SER A 147 6.32 9.38 -0.29
CA SER A 147 5.96 8.22 -1.15
C SER A 147 4.58 7.62 -0.82
N ASP A 148 4.26 7.45 0.47
CA ASP A 148 2.96 6.94 0.93
C ASP A 148 1.86 7.80 0.33
N VAL A 149 2.10 9.13 0.26
CA VAL A 149 1.14 10.09 -0.28
C VAL A 149 1.02 9.92 -1.79
N SER A 150 2.16 9.87 -2.51
CA SER A 150 2.15 9.71 -3.96
C SER A 150 1.59 8.36 -4.39
N ILE A 151 1.73 7.33 -3.55
CA ILE A 151 1.24 5.99 -3.85
C ILE A 151 -0.29 5.94 -3.74
N GLN A 152 -0.82 6.54 -2.66
CA GLN A 152 -2.26 6.59 -2.42
C GLN A 152 -2.96 7.36 -3.50
N VAL A 153 -2.36 8.49 -3.87
CA VAL A 153 -2.85 9.40 -4.89
C VAL A 153 -2.76 8.77 -6.25
N ALA A 154 -1.68 8.04 -6.55
CA ALA A 154 -1.53 7.35 -7.84
C ALA A 154 -2.57 6.27 -8.02
N ASN A 155 -2.91 5.54 -6.93
CA ASN A 155 -3.92 4.48 -7.00
C ASN A 155 -5.24 5.09 -7.39
N LEU A 156 -5.51 6.34 -6.93
CA LEU A 156 -6.72 7.11 -7.24
C LEU A 156 -6.76 7.71 -8.64
N LEU A 157 -5.70 8.44 -9.05
CA LEU A 157 -5.68 9.12 -10.35
C LEU A 157 -5.64 8.19 -11.53
N ARG A 158 -5.13 6.97 -11.39
CA ARG A 158 -5.09 6.07 -12.56
C ARG A 158 -6.50 5.67 -13.01
N LEU A 159 -7.43 5.62 -12.04
CA LEU A 159 -8.83 5.31 -12.27
C LEU A 159 -9.53 6.36 -13.18
N PHE A 160 -8.98 7.57 -13.20
CA PHE A 160 -9.48 8.71 -13.97
C PHE A 160 -8.51 9.18 -15.07
N GLN A 161 -7.50 8.35 -15.35
CA GLN A 161 -6.44 8.61 -16.33
C GLN A 161 -5.82 9.99 -16.14
N ILE A 162 -5.41 10.33 -14.91
CA ILE A 162 -4.79 11.62 -14.62
C ILE A 162 -3.27 11.45 -14.43
N PRO A 163 -2.44 11.97 -15.39
CA PRO A 163 -0.98 11.93 -15.22
C PRO A 163 -0.53 12.64 -13.94
N GLN A 164 0.47 12.06 -13.28
CA GLN A 164 1.01 12.55 -12.03
C GLN A 164 2.51 12.63 -12.13
N ILE A 165 3.06 13.79 -11.73
CA ILE A 165 4.49 14.03 -11.69
C ILE A 165 4.92 14.44 -10.29
N SER A 166 5.55 13.52 -9.54
CA SER A 166 6.07 13.86 -8.20
C SER A 166 7.45 14.53 -8.32
N TYR A 167 7.76 15.39 -7.36
CA TYR A 167 9.01 16.14 -7.33
C TYR A 167 9.97 15.62 -6.23
N ALA A 168 9.51 14.68 -5.36
CA ALA A 168 10.34 14.22 -4.24
C ALA A 168 10.14 12.76 -3.82
N SER A 169 9.10 12.03 -4.38
CA SER A 169 8.80 10.64 -4.01
C SER A 169 9.75 9.70 -4.65
N THR A 170 10.62 9.08 -3.82
CA THR A 170 11.71 8.24 -4.34
C THR A 170 11.53 6.75 -4.20
N SER A 171 10.42 6.28 -3.54
CA SER A 171 10.21 4.84 -3.36
C SER A 171 10.25 4.15 -4.70
N ALA A 172 10.99 3.04 -4.77
CA ALA A 172 11.13 2.20 -5.95
C ALA A 172 9.82 1.51 -6.37
N LYS A 173 8.83 1.38 -5.46
CA LYS A 173 7.54 0.74 -5.79
C LYS A 173 6.87 1.50 -6.92
N LEU A 174 7.10 2.82 -6.97
CA LEU A 174 6.55 3.72 -7.95
C LEU A 174 7.08 3.47 -9.39
N SER A 175 8.16 2.71 -9.53
CA SER A 175 8.69 2.37 -10.85
C SER A 175 7.84 1.33 -11.57
N ASP A 176 6.95 0.62 -10.84
CA ASP A 176 6.09 -0.44 -11.39
C ASP A 176 4.90 0.12 -12.17
N LYS A 177 5.03 0.13 -13.51
CA LYS A 177 4.01 0.65 -14.42
C LYS A 177 2.79 -0.27 -14.58
N SER A 178 2.80 -1.43 -13.92
CA SER A 178 1.62 -2.30 -13.93
C SER A 178 0.66 -1.75 -12.85
N ARG A 179 1.25 -1.19 -11.76
CA ARG A 179 0.58 -0.63 -10.62
C ARG A 179 0.35 0.89 -10.72
N TYR A 180 1.38 1.67 -11.18
CA TYR A 180 1.35 3.15 -11.24
C TYR A 180 1.59 3.63 -12.65
N ASP A 181 0.66 3.31 -13.52
CA ASP A 181 0.80 3.54 -14.95
C ASP A 181 0.70 5.00 -15.35
N TYR A 182 0.15 5.89 -14.51
CA TYR A 182 0.03 7.34 -14.83
C TYR A 182 1.00 8.21 -14.03
N PHE A 183 2.03 7.58 -13.41
CA PHE A 183 2.97 8.26 -12.56
C PHE A 183 4.32 8.37 -13.17
N ALA A 184 4.92 9.54 -13.04
CA ALA A 184 6.28 9.82 -13.39
C ALA A 184 6.88 10.72 -12.34
N ARG A 185 8.19 10.87 -12.32
CA ARG A 185 8.84 11.67 -11.30
C ARG A 185 10.12 12.30 -11.78
N THR A 186 10.52 13.41 -11.20
CA THR A 186 11.70 14.10 -11.64
C THR A 186 12.88 13.78 -10.78
N VAL A 187 12.68 12.85 -9.87
CA VAL A 187 13.69 12.38 -8.96
C VAL A 187 13.92 10.95 -9.32
N PRO A 188 15.14 10.39 -8.93
CA PRO A 188 15.24 8.96 -9.20
C PRO A 188 14.78 7.97 -8.16
N PRO A 189 14.66 6.66 -8.63
CA PRO A 189 14.30 5.68 -7.60
C PRO A 189 15.39 5.36 -6.59
N ASP A 190 14.96 4.85 -5.46
CA ASP A 190 15.80 4.69 -4.32
C ASP A 190 16.66 3.49 -4.39
N PHE A 191 16.42 2.69 -5.40
CA PHE A 191 17.34 1.84 -6.07
C PHE A 191 18.75 2.34 -5.96
N PHE A 192 18.96 3.58 -6.35
CA PHE A 192 20.28 4.10 -6.45
C PHE A 192 20.78 4.71 -5.18
N GLN A 193 19.88 5.15 -4.33
CA GLN A 193 20.24 5.76 -3.10
C GLN A 193 20.77 4.71 -2.16
N ALA A 194 20.13 3.58 -2.18
CA ALA A 194 20.48 2.43 -1.39
C ALA A 194 21.87 1.91 -1.70
N LYS A 195 22.19 1.85 -2.97
CA LYS A 195 23.44 1.38 -3.45
C LYS A 195 24.57 2.30 -3.09
N ALA A 196 24.31 3.58 -3.09
CA ALA A 196 25.25 4.58 -2.73
C ALA A 196 25.57 4.54 -1.26
N MET A 197 24.54 4.33 -0.47
CA MET A 197 24.67 4.24 0.97
C MET A 197 25.51 3.07 1.38
N ALA A 198 25.44 2.01 0.60
CA ALA A 198 26.19 0.81 0.85
C ALA A 198 27.61 0.91 0.41
N GLU A 199 27.84 1.69 -0.61
CA GLU A 199 29.17 1.94 -1.06
C GLU A 199 29.87 2.88 -0.13
N ILE A 200 29.11 3.66 0.61
CA ILE A 200 29.70 4.55 1.57
C ILE A 200 30.25 3.77 2.74
N LEU A 201 29.49 2.82 3.23
CA LEU A 201 29.92 1.97 4.29
C LEU A 201 31.10 1.14 3.92
N ARG A 202 31.00 0.43 2.82
CA ARG A 202 32.09 -0.35 2.24
C ARG A 202 33.37 0.44 2.10
N PHE A 203 33.29 1.74 1.83
CA PHE A 203 34.47 2.57 1.69
C PHE A 203 35.21 2.73 3.01
N PHE A 204 34.49 2.99 4.12
CA PHE A 204 35.03 3.20 5.46
C PHE A 204 35.13 1.88 6.23
N ASN A 205 34.94 0.76 5.53
CA ASN A 205 35.01 -0.61 6.07
C ASN A 205 34.04 -0.83 7.27
N TRP A 206 32.87 -0.15 7.24
CA TRP A 206 31.81 -0.27 8.23
C TRP A 206 30.99 -1.51 7.86
N THR A 207 31.42 -2.65 8.37
CA THR A 207 30.95 -3.97 8.01
C THR A 207 29.95 -4.55 9.01
N TYR A 208 29.69 -3.89 10.13
CA TYR A 208 28.69 -4.36 11.10
C TYR A 208 27.83 -3.16 11.50
N VAL A 209 26.65 -3.04 10.87
CA VAL A 209 25.76 -1.90 11.04
C VAL A 209 24.38 -2.26 11.60
N SER A 210 23.59 -1.23 11.93
CA SER A 210 22.22 -1.36 12.37
C SER A 210 21.40 -0.51 11.42
N THR A 211 20.12 -0.82 11.33
CA THR A 211 19.24 -0.10 10.42
C THR A 211 18.03 0.39 11.15
N VAL A 212 17.48 1.52 10.69
CA VAL A 212 16.25 2.13 11.19
C VAL A 212 15.49 2.54 9.97
N ALA A 213 14.31 1.99 9.82
CA ALA A 213 13.49 2.26 8.66
C ALA A 213 12.11 2.74 9.10
N SER A 214 11.60 3.83 8.51
CA SER A 214 10.23 4.26 8.76
C SER A 214 9.33 3.21 8.11
N GLU A 215 8.26 2.85 8.77
CA GLU A 215 7.27 1.92 8.25
C GLU A 215 6.69 2.56 6.97
N GLY A 216 6.42 1.74 5.96
CA GLY A 216 5.87 2.21 4.69
C GLY A 216 6.77 2.05 3.48
N ASP A 217 6.27 2.51 2.36
CA ASP A 217 6.89 2.33 1.06
C ASP A 217 8.22 3.00 0.85
N TYR A 218 8.51 4.10 1.55
CA TYR A 218 9.80 4.73 1.41
C TYR A 218 10.86 3.99 2.28
N GLY A 219 10.62 3.96 3.59
CA GLY A 219 11.51 3.33 4.55
C GLY A 219 11.79 1.86 4.35
N GLU A 220 10.72 1.06 4.22
CA GLU A 220 10.83 -0.40 4.11
C GLU A 220 11.45 -0.86 2.81
N THR A 221 11.04 -0.27 1.68
CA THR A 221 11.61 -0.68 0.40
C THR A 221 13.04 -0.14 0.29
N GLY A 222 13.29 1.05 0.86
CA GLY A 222 14.60 1.69 0.92
C GLY A 222 15.67 0.87 1.61
N ILE A 223 15.42 0.45 2.86
CA ILE A 223 16.33 -0.38 3.68
C ILE A 223 16.49 -1.80 3.10
N GLU A 224 15.40 -2.47 2.60
CA GLU A 224 15.55 -3.81 1.99
C GLU A 224 16.59 -3.75 0.84
N ALA A 225 16.39 -2.79 -0.09
CA ALA A 225 17.32 -2.52 -1.19
C ALA A 225 18.74 -2.26 -0.65
N PHE A 226 18.88 -1.52 0.49
CA PHE A 226 20.17 -1.23 1.13
C PHE A 226 20.81 -2.57 1.62
N GLU A 227 20.05 -3.38 2.36
CA GLU A 227 20.48 -4.68 2.84
C GLU A 227 21.01 -5.60 1.72
N LEU A 228 20.31 -5.71 0.59
CA LEU A 228 20.80 -6.58 -0.49
C LEU A 228 22.17 -6.07 -1.03
N GLU A 229 22.32 -4.74 -1.16
CA GLU A 229 23.56 -4.08 -1.60
C GLU A 229 24.72 -4.29 -0.61
N ALA A 230 24.40 -4.22 0.71
CA ALA A 230 25.33 -4.38 1.82
C ALA A 230 25.84 -5.82 1.93
N ARG A 231 24.93 -6.82 1.87
CA ARG A 231 25.25 -8.27 1.85
C ARG A 231 26.35 -8.53 0.80
N ALA A 232 26.09 -8.09 -0.46
CA ALA A 232 27.00 -8.20 -1.58
C ALA A 232 28.38 -7.57 -1.33
N ARG A 233 28.54 -6.73 -0.27
CA ARG A 233 29.82 -6.10 0.06
C ARG A 233 30.34 -6.59 1.41
N ASN A 234 29.77 -7.71 1.87
CA ASN A 234 30.08 -8.39 3.13
C ASN A 234 29.86 -7.47 4.34
N ILE A 235 28.75 -6.72 4.32
CA ILE A 235 28.33 -5.83 5.39
C ILE A 235 27.20 -6.56 6.05
N SER A 236 27.32 -6.83 7.34
CA SER A 236 26.28 -7.55 8.06
C SER A 236 25.47 -6.62 8.97
N VAL A 237 24.17 -6.92 9.13
CA VAL A 237 23.27 -6.14 9.93
C VAL A 237 23.08 -6.76 11.32
N ALA A 238 23.47 -5.99 12.36
CA ALA A 238 23.34 -6.31 13.78
C ALA A 238 21.89 -6.37 14.16
N THR A 239 21.15 -5.28 13.92
CA THR A 239 19.71 -5.20 14.24
C THR A 239 18.96 -4.28 13.29
N SER A 240 17.70 -4.60 13.05
CA SER A 240 16.84 -3.81 12.19
C SER A 240 15.68 -3.34 12.98
N GLU A 241 15.43 -2.02 12.94
CA GLU A 241 14.31 -1.41 13.64
C GLU A 241 13.35 -0.72 12.69
N LYS A 242 12.08 -0.74 13.05
CA LYS A 242 10.99 -0.07 12.34
C LYS A 242 10.39 1.03 13.20
N VAL A 243 9.99 2.14 12.55
CA VAL A 243 9.37 3.29 13.20
C VAL A 243 7.94 3.37 12.70
N GLY A 244 6.99 3.29 13.62
CA GLY A 244 5.55 3.36 13.34
C GLY A 244 5.07 4.74 12.95
N ARG A 245 3.80 4.83 12.51
CA ARG A 245 3.18 6.09 12.08
C ARG A 245 2.85 6.95 13.31
N ALA A 246 2.56 6.30 14.44
CA ALA A 246 2.21 6.95 15.69
C ALA A 246 3.11 6.34 16.76
N MET A 247 4.17 7.08 17.17
CA MET A 247 5.16 6.62 18.15
C MET A 247 5.34 7.69 19.18
N SER A 248 5.51 7.30 20.46
CA SER A 248 5.74 8.23 21.56
C SER A 248 7.24 8.47 21.73
N ARG A 249 7.59 9.47 22.56
CA ARG A 249 8.96 9.78 22.93
C ARG A 249 9.58 8.53 23.59
N ALA A 250 8.81 7.89 24.51
CA ALA A 250 9.18 6.63 25.16
C ALA A 250 9.49 5.54 24.13
N ALA A 251 8.62 5.38 23.09
CA ALA A 251 8.75 4.38 22.00
C ALA A 251 10.08 4.56 21.26
N PHE A 252 10.38 5.82 20.95
CA PHE A 252 11.63 6.20 20.30
C PHE A 252 12.81 5.89 21.16
N GLU A 253 12.71 6.13 22.49
CA GLU A 253 13.80 5.78 23.42
C GLU A 253 14.11 4.27 23.40
N GLY A 254 13.05 3.47 23.29
CA GLY A 254 13.09 2.03 23.20
C GLY A 254 13.79 1.52 21.97
N VAL A 255 13.76 2.33 20.88
CA VAL A 255 14.42 2.02 19.62
C VAL A 255 15.89 2.28 19.85
N VAL A 256 16.22 3.40 20.48
CA VAL A 256 17.61 3.80 20.75
C VAL A 256 18.26 2.76 21.70
N ARG A 257 17.46 2.29 22.69
CA ARG A 257 17.91 1.27 23.64
C ARG A 257 18.17 -0.04 22.88
N ALA A 258 17.27 -0.40 21.95
CA ALA A 258 17.43 -1.57 21.09
C ALA A 258 18.69 -1.52 20.25
N LEU A 259 19.12 -0.32 19.82
CA LEU A 259 20.35 -0.17 19.06
C LEU A 259 21.55 -0.27 19.98
N LEU A 260 21.40 0.15 21.27
CA LEU A 260 22.49 0.11 22.26
C LEU A 260 22.78 -1.30 22.79
N GLN A 261 21.83 -2.26 22.59
CA GLN A 261 21.95 -3.67 22.97
C GLN A 261 22.98 -4.44 22.09
N LYS A 262 23.50 -3.76 21.04
CA LYS A 262 24.55 -4.22 20.12
C LYS A 262 25.70 -3.18 20.13
N PRO A 263 26.51 -3.13 21.22
CA PRO A 263 27.58 -2.12 21.32
C PRO A 263 28.60 -2.11 20.19
N SER A 264 28.74 -3.23 19.47
CA SER A 264 29.67 -3.33 18.34
C SER A 264 29.13 -2.62 17.07
N ALA A 265 27.79 -2.38 16.98
CA ALA A 265 27.12 -1.72 15.86
C ALA A 265 26.93 -0.25 16.15
N ARG A 266 28.00 0.52 16.04
CA ARG A 266 28.01 1.96 16.30
C ARG A 266 27.41 2.74 15.14
N VAL A 267 27.48 2.18 13.90
CA VAL A 267 26.96 2.81 12.69
C VAL A 267 25.51 2.41 12.57
N ALA A 268 24.63 3.43 12.41
CA ALA A 268 23.19 3.24 12.22
C ALA A 268 22.78 3.82 10.84
N VAL A 269 22.20 2.99 9.99
CA VAL A 269 21.75 3.37 8.65
C VAL A 269 20.24 3.65 8.72
N LEU A 270 19.86 4.92 8.44
CA LEU A 270 18.44 5.30 8.43
C LEU A 270 17.89 5.52 7.04
N PHE A 271 16.70 4.96 6.80
CA PHE A 271 15.85 5.19 5.63
C PHE A 271 14.54 5.63 6.29
N THR A 272 14.59 6.84 6.84
CA THR A 272 13.51 7.41 7.64
C THR A 272 12.97 8.71 7.09
N ARG A 273 11.68 8.96 7.39
CA ARG A 273 11.00 10.20 7.09
C ARG A 273 11.66 11.25 8.01
N SER A 274 11.66 12.53 7.59
CA SER A 274 12.27 13.63 8.36
C SER A 274 11.92 13.61 9.85
N GLU A 275 10.61 13.59 10.17
CA GLU A 275 10.05 13.62 11.51
C GLU A 275 10.52 12.45 12.37
N ASP A 276 10.70 11.27 11.75
CA ASP A 276 11.17 10.09 12.46
C ASP A 276 12.64 10.22 12.69
N ALA A 277 13.39 10.78 11.70
CA ALA A 277 14.83 11.06 11.84
C ALA A 277 15.03 12.08 12.99
N ARG A 278 14.14 13.09 13.10
CA ARG A 278 14.13 14.13 14.13
C ARG A 278 13.90 13.52 15.53
N GLU A 279 12.84 12.75 15.65
CA GLU A 279 12.42 12.08 16.87
C GLU A 279 13.43 11.07 17.40
N LEU A 280 14.14 10.41 16.49
CA LEU A 280 15.17 9.44 16.83
C LEU A 280 16.41 10.18 17.35
N LEU A 281 16.77 11.30 16.71
CA LEU A 281 17.90 12.10 17.12
C LEU A 281 17.67 12.69 18.48
N ALA A 282 16.42 13.20 18.71
CA ALA A 282 15.97 13.78 19.97
C ALA A 282 16.01 12.73 21.07
N ALA A 283 15.71 11.44 20.76
CA ALA A 283 15.78 10.42 21.81
C ALA A 283 17.25 10.08 22.12
N SER A 284 18.14 10.07 21.12
CA SER A 284 19.59 9.83 21.29
C SER A 284 20.17 10.90 22.21
N GLN A 285 19.76 12.18 21.97
CA GLN A 285 20.16 13.35 22.75
C GLN A 285 19.72 13.18 24.23
N ARG A 286 18.45 12.82 24.45
CA ARG A 286 17.93 12.60 25.79
C ARG A 286 18.58 11.44 26.54
N LEU A 287 19.21 10.49 25.84
CA LEU A 287 19.84 9.33 26.46
C LEU A 287 21.37 9.40 26.38
N ASN A 288 21.95 10.53 25.92
CA ASN A 288 23.41 10.64 25.75
C ASN A 288 23.91 9.42 24.94
N ALA A 289 23.11 8.98 23.94
CA ALA A 289 23.48 7.82 23.12
C ALA A 289 24.28 8.29 21.92
N SER A 290 25.34 7.54 21.55
CA SER A 290 26.23 7.94 20.45
C SER A 290 26.29 6.95 19.28
N PHE A 291 25.83 7.43 18.10
CA PHE A 291 25.84 6.67 16.88
C PHE A 291 26.39 7.49 15.75
N THR A 292 27.03 6.82 14.80
CA THR A 292 27.46 7.39 13.54
C THR A 292 26.24 7.12 12.62
N TRP A 293 25.54 8.19 12.23
CA TRP A 293 24.36 8.08 11.39
C TRP A 293 24.71 8.18 9.92
N VAL A 294 24.20 7.23 9.15
CA VAL A 294 24.27 7.21 7.70
C VAL A 294 22.81 7.27 7.31
N ALA A 295 22.37 8.39 6.72
CA ALA A 295 20.96 8.56 6.43
C ALA A 295 20.63 9.01 5.01
N SER A 296 19.41 8.64 4.60
CA SER A 296 18.80 8.92 3.31
C SER A 296 18.28 10.35 3.22
N ASP A 297 17.71 10.70 2.07
CA ASP A 297 17.18 12.02 1.70
C ASP A 297 16.07 12.56 2.62
N GLY A 298 15.32 11.64 3.27
CA GLY A 298 14.28 11.98 4.25
C GLY A 298 14.82 13.00 5.24
N TRP A 299 15.96 12.68 5.85
CA TRP A 299 16.72 13.56 6.74
C TRP A 299 17.41 14.61 5.84
N GLY A 300 18.23 14.14 4.87
CA GLY A 300 18.95 14.96 3.91
C GLY A 300 19.78 16.05 4.56
N ALA A 301 19.62 17.30 4.12
CA ALA A 301 20.36 18.46 4.66
C ALA A 301 19.41 19.42 5.40
N LEU A 302 18.30 18.89 5.95
CA LEU A 302 17.33 19.68 6.70
C LEU A 302 17.87 20.10 8.03
N GLU A 303 17.77 21.40 8.34
CA GLU A 303 18.16 21.88 9.66
C GLU A 303 17.08 21.55 10.73
N GLU A 304 15.81 21.35 10.34
CA GLU A 304 14.78 21.07 11.36
C GLU A 304 14.91 19.65 11.94
N VAL A 305 15.57 18.73 11.23
CA VAL A 305 15.82 17.36 11.73
C VAL A 305 16.79 17.42 12.96
N VAL A 306 17.90 18.17 12.82
CA VAL A 306 19.02 18.28 13.76
C VAL A 306 18.91 19.34 14.89
N ALA A 307 18.04 20.34 14.71
CA ALA A 307 17.80 21.44 15.63
C ALA A 307 17.41 20.87 16.95
N GLY A 308 18.17 21.28 17.99
CA GLY A 308 17.94 20.83 19.35
C GLY A 308 18.66 19.53 19.70
N SER A 309 19.30 18.90 18.72
CA SER A 309 19.95 17.59 18.87
C SER A 309 21.26 17.54 18.16
N GLU A 310 21.89 18.70 17.98
CA GLU A 310 23.17 18.86 17.27
C GLU A 310 24.26 17.89 17.76
N GLY A 311 24.36 17.73 19.09
CA GLY A 311 25.34 16.84 19.72
C GLY A 311 25.19 15.40 19.28
N ALA A 312 23.95 14.87 19.36
CA ALA A 312 23.59 13.51 18.93
C ALA A 312 23.82 13.28 17.42
N ALA A 313 23.50 14.30 16.61
CA ALA A 313 23.58 14.29 15.16
C ALA A 313 24.99 14.47 14.61
N GLU A 314 25.87 15.15 15.37
CA GLU A 314 27.26 15.46 14.98
C GLU A 314 27.99 14.22 14.44
N GLY A 315 28.51 14.34 13.24
CA GLY A 315 29.22 13.26 12.58
C GLY A 315 28.39 12.46 11.59
N ALA A 316 27.14 12.85 11.40
CA ALA A 316 26.26 12.12 10.49
C ALA A 316 26.64 12.35 9.05
N ILE A 317 26.43 11.32 8.23
CA ILE A 317 26.61 11.34 6.79
C ILE A 317 25.18 11.23 6.25
N THR A 318 24.80 12.24 5.46
CA THR A 318 23.48 12.25 4.87
C THR A 318 23.58 12.42 3.37
N ILE A 319 22.51 12.02 2.69
CA ILE A 319 22.39 12.07 1.26
C ILE A 319 21.21 12.95 0.90
N GLU A 320 21.41 13.82 -0.07
CA GLU A 320 20.37 14.57 -0.69
C GLU A 320 20.65 14.43 -2.15
N LEU A 321 19.58 14.50 -2.94
CA LEU A 321 19.61 14.49 -4.39
C LEU A 321 20.35 15.75 -4.80
N ALA A 322 21.25 15.60 -5.80
CA ALA A 322 22.05 16.73 -6.28
C ALA A 322 21.20 17.79 -6.97
N SER A 323 21.38 19.05 -6.56
CA SER A 323 20.64 20.18 -7.11
C SER A 323 21.50 21.44 -7.06
N TYR A 324 20.94 22.53 -7.61
CA TYR A 324 21.53 23.85 -7.69
C TYR A 324 20.55 24.92 -7.21
N PRO A 325 21.03 26.08 -6.72
CA PRO A 325 20.08 27.13 -6.35
C PRO A 325 19.61 27.85 -7.62
N ILE A 326 18.35 28.31 -7.60
CA ILE A 326 17.76 29.02 -8.73
C ILE A 326 17.49 30.44 -8.25
N SER A 327 18.36 31.36 -8.73
CA SER A 327 18.43 32.80 -8.36
C SER A 327 17.08 33.52 -8.40
N ASP A 328 16.37 33.41 -9.55
CA ASP A 328 15.06 33.98 -9.77
C ASP A 328 14.04 33.54 -8.71
N PHE A 329 14.23 32.32 -8.13
CA PHE A 329 13.36 31.84 -7.06
C PHE A 329 13.59 32.57 -5.75
N ALA A 330 14.86 32.65 -5.29
CA ALA A 330 15.23 33.35 -4.06
C ALA A 330 14.71 34.79 -4.10
N SER A 331 14.77 35.47 -5.28
CA SER A 331 14.26 36.83 -5.49
C SER A 331 12.75 36.82 -5.27
N TYR A 332 12.03 35.92 -5.98
CA TYR A 332 10.58 35.74 -5.89
C TYR A 332 10.12 35.47 -4.46
N PHE A 333 10.76 34.50 -3.79
CA PHE A 333 10.40 34.10 -2.44
C PHE A 333 10.62 35.21 -1.38
N GLN A 334 11.86 35.72 -1.28
CA GLN A 334 12.23 36.76 -0.31
C GLN A 334 11.42 38.06 -0.46
N SER A 335 10.83 38.26 -1.66
CA SER A 335 9.99 39.41 -1.99
C SER A 335 8.50 39.13 -1.68
N LEU A 336 8.18 38.00 -1.10
CA LEU A 336 6.80 37.76 -0.82
C LEU A 336 6.44 38.45 0.44
N ASP A 337 5.21 38.92 0.49
CA ASP A 337 4.78 39.80 1.51
C ASP A 337 3.40 39.34 1.83
N PRO A 338 2.99 39.57 3.14
CA PRO A 338 1.68 39.00 3.44
C PRO A 338 0.50 39.77 2.88
N TRP A 339 0.77 40.91 2.31
CA TRP A 339 -0.27 41.74 1.77
C TRP A 339 -0.31 41.53 0.30
N ASN A 340 0.85 41.21 -0.27
CA ASN A 340 0.92 40.92 -1.69
C ASN A 340 0.71 39.47 -2.09
N ASN A 341 0.81 38.54 -1.17
CA ASN A 341 0.64 37.13 -1.46
C ASN A 341 -0.62 36.64 -0.81
N SER A 342 -1.73 36.80 -1.50
CA SER A 342 -2.99 36.38 -0.93
C SER A 342 -3.50 35.16 -1.63
N ARG A 343 -2.83 34.78 -2.70
CA ARG A 343 -3.26 33.64 -3.45
C ARG A 343 -2.91 32.37 -2.72
N ASN A 344 -1.88 32.44 -1.89
CA ASN A 344 -1.49 31.34 -1.04
C ASN A 344 -2.26 31.46 0.31
N PRO A 345 -3.29 30.59 0.52
CA PRO A 345 -4.08 30.67 1.76
C PRO A 345 -3.36 30.28 3.04
N TRP A 346 -2.17 29.65 2.93
CA TRP A 346 -1.38 29.21 4.09
C TRP A 346 -0.21 30.15 4.39
N PHE A 347 -0.01 31.20 3.55
CA PHE A 347 1.07 32.18 3.72
C PHE A 347 1.00 33.01 5.01
N ARG A 348 -0.23 33.42 5.41
CA ARG A 348 -0.45 34.21 6.62
C ARG A 348 0.01 33.43 7.84
N GLU A 349 -0.30 32.12 7.87
CA GLU A 349 0.08 31.22 8.94
C GLU A 349 1.60 31.08 9.02
N PHE A 350 2.24 30.92 7.87
CA PHE A 350 3.68 30.83 7.79
C PHE A 350 4.36 32.10 8.29
N TRP A 351 3.85 33.28 7.87
CA TRP A 351 4.37 34.62 8.22
C TRP A 351 4.35 34.84 9.74
N GLU A 352 3.20 34.52 10.38
CA GLU A 352 2.99 34.59 11.83
C GLU A 352 3.98 33.67 12.57
N GLN A 353 4.11 32.44 12.09
CA GLN A 353 4.98 31.39 12.65
C GLN A 353 6.47 31.72 12.47
N ARG A 354 6.87 32.25 11.30
CA ARG A 354 8.26 32.61 11.02
C ARG A 354 8.73 33.79 11.87
N PHE A 355 7.92 34.87 11.95
CA PHE A 355 8.28 36.11 12.64
C PHE A 355 7.78 36.21 14.09
N ARG A 356 7.01 35.19 14.55
CA ARG A 356 6.47 35.08 15.91
C ARG A 356 5.57 36.28 16.29
N CYS A 357 4.84 36.79 15.29
CA CYS A 357 3.90 37.89 15.45
C CYS A 357 2.51 37.47 15.00
N SER A 358 1.59 38.43 15.06
CA SER A 358 0.21 38.30 14.65
C SER A 358 -0.18 39.60 13.98
N PHE A 359 -1.03 39.51 12.96
CA PHE A 359 -1.56 40.69 12.28
C PHE A 359 -2.56 41.36 13.26
N ARG A 360 -3.37 40.53 13.96
CA ARG A 360 -4.36 40.91 14.97
C ARG A 360 -3.65 41.29 16.29
N ARG A 362 -0.72 43.65 15.26
CA ARG A 362 -0.08 44.79 14.61
C ARG A 362 1.42 44.55 14.40
N ASP A 363 2.07 45.42 13.56
CA ASP A 363 3.52 45.43 13.24
C ASP A 363 4.11 44.09 12.67
N CYS A 364 3.24 43.11 12.33
CA CYS A 364 3.67 41.84 11.74
C CYS A 364 4.06 42.15 10.28
N ALA A 365 3.28 43.02 9.64
CA ALA A 365 3.47 43.53 8.27
C ALA A 365 4.84 44.19 8.05
N ALA A 366 5.50 44.68 9.13
CA ALA A 366 6.80 45.36 9.11
C ALA A 366 7.97 44.48 8.68
N HIS A 367 7.84 43.15 8.90
CA HIS A 367 8.86 42.15 8.58
C HIS A 367 9.11 41.94 7.09
N SER A 368 10.30 41.42 6.76
CA SER A 368 10.71 41.11 5.40
C SER A 368 11.54 39.84 5.37
N LEU A 369 11.25 38.98 4.37
CA LEU A 369 11.98 37.75 4.06
C LEU A 369 13.38 38.09 3.49
N ARG A 370 13.60 39.38 3.09
CA ARG A 370 14.90 39.91 2.63
C ARG A 370 15.79 40.19 3.85
N ALA A 371 15.18 40.66 4.96
CA ALA A 371 15.84 41.00 6.23
C ALA A 371 16.37 39.80 7.00
N VAL A 372 15.81 38.61 6.72
CA VAL A 372 16.10 37.33 7.35
C VAL A 372 16.96 36.45 6.41
N PRO A 373 17.74 35.46 6.92
CA PRO A 373 18.50 34.59 6.01
C PRO A 373 17.61 33.57 5.27
N PHE A 374 17.82 33.42 3.94
CA PHE A 374 17.08 32.46 3.10
C PHE A 374 17.97 31.33 2.58
N GLU A 375 17.61 30.08 2.93
CA GLU A 375 18.31 28.91 2.45
C GLU A 375 17.27 28.10 1.63
N GLN A 376 17.53 27.94 0.34
CA GLN A 376 16.63 27.28 -0.57
C GLN A 376 16.56 25.80 -0.30
N GLU A 377 15.37 25.24 -0.34
CA GLU A 377 15.16 23.83 -0.08
C GLU A 377 15.84 22.99 -1.16
N SER A 378 16.45 21.84 -0.78
CA SER A 378 17.17 20.93 -1.68
C SER A 378 16.43 20.50 -2.94
N LYS A 379 15.12 20.21 -2.83
CA LYS A 379 14.32 19.71 -3.94
C LYS A 379 13.53 20.77 -4.76
N ILE A 380 13.75 22.09 -4.51
CA ILE A 380 13.07 23.16 -5.27
C ILE A 380 13.14 22.94 -6.81
N MET A 381 14.33 22.62 -7.31
CA MET A 381 14.65 22.30 -8.70
C MET A 381 13.61 21.37 -9.32
N PHE A 382 13.37 20.24 -8.64
CA PHE A 382 12.50 19.17 -9.06
C PHE A 382 11.05 19.56 -9.07
N VAL A 383 10.69 20.58 -8.26
CA VAL A 383 9.33 21.12 -8.19
C VAL A 383 9.10 21.86 -9.51
N VAL A 384 9.98 22.83 -9.78
CA VAL A 384 10.05 23.64 -10.99
C VAL A 384 10.16 22.73 -12.22
N ASN A 385 11.00 21.69 -12.19
CA ASN A 385 11.12 20.73 -13.30
C ASN A 385 9.85 19.92 -13.53
N ALA A 386 9.11 19.52 -12.45
CA ALA A 386 7.87 18.76 -12.59
C ALA A 386 6.82 19.59 -13.32
N VAL A 387 6.67 20.89 -12.93
CA VAL A 387 5.72 21.80 -13.58
C VAL A 387 6.13 21.99 -15.03
N TYR A 388 7.41 22.28 -15.30
CA TYR A 388 7.83 22.45 -16.69
C TYR A 388 7.66 21.18 -17.50
N ALA A 389 7.91 20.00 -16.89
CA ALA A 389 7.70 18.73 -17.61
C ALA A 389 6.22 18.62 -18.06
N MET A 390 5.24 18.96 -17.17
CA MET A 390 3.82 18.96 -17.54
C MET A 390 3.47 20.01 -18.63
N ALA A 391 4.04 21.22 -18.52
CA ALA A 391 3.84 22.35 -19.43
C ALA A 391 4.39 22.04 -20.82
N HIS A 392 5.59 21.45 -20.89
CA HIS A 392 6.22 21.04 -22.15
C HIS A 392 5.47 19.90 -22.74
N ALA A 393 4.93 18.99 -21.90
CA ALA A 393 4.15 17.84 -22.36
C ALA A 393 2.88 18.33 -23.03
N LEU A 394 2.20 19.30 -22.41
CA LEU A 394 0.97 19.92 -22.91
C LEU A 394 1.19 20.73 -24.16
N HIS A 395 2.31 21.48 -24.22
CA HIS A 395 2.68 22.30 -25.37
C HIS A 395 2.97 21.42 -26.57
N ASN A 396 3.63 20.30 -26.35
CA ASN A 396 3.95 19.38 -27.43
C ASN A 396 2.72 18.71 -27.91
N MET A 397 1.78 18.42 -26.97
CA MET A 397 0.52 17.78 -27.29
C MET A 397 -0.26 18.75 -28.19
N HIS A 398 -0.30 20.04 -27.78
CA HIS A 398 -0.95 21.10 -28.50
C HIS A 398 -0.35 21.25 -29.90
N ARG A 399 0.97 21.16 -30.04
CA ARG A 399 1.63 21.27 -31.34
C ARG A 399 1.15 20.14 -32.27
N ALA A 400 1.07 18.91 -31.79
CA ALA A 400 0.58 17.77 -32.55
C ALA A 400 -0.92 17.84 -32.84
N LEU A 401 -1.74 18.06 -31.82
CA LEU A 401 -3.19 18.03 -31.95
C LEU A 401 -3.87 19.32 -32.41
N CYS A 402 -3.38 20.50 -32.02
CA CYS A 402 -3.99 21.78 -32.37
C CYS A 402 -3.10 22.63 -33.29
N PRO A 403 -2.90 22.27 -34.58
CA PRO A 403 -1.97 23.06 -35.40
C PRO A 403 -2.54 24.37 -35.99
N ASN A 404 -3.85 24.43 -36.20
CA ASN A 404 -4.48 25.61 -36.80
C ASN A 404 -4.67 26.80 -35.81
N THR A 405 -4.36 26.62 -34.52
CA THR A 405 -4.56 27.65 -33.49
C THR A 405 -3.46 27.65 -32.40
N THR A 406 -3.60 28.54 -31.41
CA THR A 406 -2.73 28.65 -30.22
C THR A 406 -3.59 28.47 -29.00
N ARG A 407 -4.91 28.43 -29.22
CA ARG A 407 -5.93 28.24 -28.20
C ARG A 407 -6.22 26.73 -28.12
N LEU A 408 -6.90 26.26 -27.05
CA LEU A 408 -7.22 24.84 -26.89
C LEU A 408 -8.20 24.39 -27.95
N CYS A 409 -7.80 23.49 -28.85
CA CYS A 409 -8.67 22.99 -29.91
C CYS A 409 -9.61 21.93 -29.34
N ASP A 410 -10.50 21.34 -30.17
CA ASP A 410 -11.49 20.34 -29.74
C ASP A 410 -10.82 19.05 -29.27
N ALA A 411 -9.72 18.64 -29.95
CA ALA A 411 -8.88 17.47 -29.61
C ALA A 411 -8.33 17.58 -28.17
N MET A 412 -8.34 18.78 -27.58
CA MET A 412 -7.86 18.99 -26.23
C MET A 412 -8.97 19.51 -25.31
N ARG A 413 -10.24 19.23 -25.66
CA ARG A 413 -11.43 19.61 -24.87
C ARG A 413 -12.31 18.35 -24.68
N PRO A 414 -11.96 17.49 -23.69
CA PRO A 414 -10.86 17.63 -22.71
C PRO A 414 -9.57 16.99 -23.21
N VAL A 415 -8.48 17.13 -22.43
CA VAL A 415 -7.19 16.51 -22.74
C VAL A 415 -7.31 15.02 -22.35
N ASN A 416 -6.95 14.12 -23.27
CA ASN A 416 -6.92 12.68 -23.00
C ASN A 416 -5.63 12.40 -22.22
N GLY A 417 -5.81 12.02 -20.96
CA GLY A 417 -4.72 11.69 -20.03
C GLY A 417 -3.86 10.52 -20.48
N ARG A 418 -4.48 9.46 -21.06
CA ARG A 418 -3.72 8.30 -21.55
C ARG A 418 -2.71 8.75 -22.62
N ARG A 419 -3.18 9.56 -23.61
CA ARG A 419 -2.37 10.14 -24.70
C ARG A 419 -1.33 11.10 -24.10
N LEU A 420 -1.78 11.95 -23.18
CA LEU A 420 -0.89 12.93 -22.56
C LEU A 420 0.31 12.27 -21.89
N TYR A 421 0.06 11.25 -21.04
CA TYR A 421 1.14 10.58 -20.33
C TYR A 421 2.04 9.77 -21.23
N LYS A 422 1.43 8.80 -21.95
CA LYS A 422 2.14 7.87 -22.82
C LYS A 422 2.85 8.52 -23.98
N ASP A 423 2.23 9.49 -24.65
CA ASP A 423 2.86 10.06 -25.85
C ASP A 423 3.61 11.38 -25.67
N PHE A 424 3.35 12.13 -24.59
CA PHE A 424 3.99 13.42 -24.42
C PHE A 424 4.78 13.57 -23.11
N VAL A 425 4.17 13.25 -21.97
CA VAL A 425 4.86 13.36 -20.67
C VAL A 425 6.16 12.53 -20.66
N LEU A 426 6.06 11.26 -21.08
CA LEU A 426 7.21 10.37 -21.11
C LEU A 426 8.31 10.78 -22.10
N ASN A 427 7.93 11.63 -23.06
CA ASN A 427 8.79 12.04 -24.16
C ASN A 427 9.35 13.45 -24.11
N VAL A 428 9.04 14.23 -23.06
CA VAL A 428 9.62 15.56 -22.92
C VAL A 428 11.14 15.40 -22.84
N LYS A 429 11.89 16.42 -23.26
CA LYS A 429 13.35 16.49 -23.21
C LYS A 429 13.68 17.97 -23.43
N PHE A 430 14.07 18.66 -22.37
CA PHE A 430 14.33 20.10 -22.47
C PHE A 430 15.37 20.52 -21.47
N ASP A 431 15.98 21.68 -21.70
CA ASP A 431 16.97 22.21 -20.77
C ASP A 431 16.28 22.66 -19.51
N ALA A 432 16.82 22.25 -18.33
CA ALA A 432 16.28 22.66 -17.03
C ALA A 432 16.17 24.19 -16.96
N PRO A 433 14.97 24.78 -16.72
CA PRO A 433 14.88 26.25 -16.66
C PRO A 433 15.47 26.80 -15.36
N PHE A 434 16.10 27.97 -15.42
CA PHE A 434 16.70 28.66 -14.26
C PHE A 434 17.91 27.93 -13.71
N ARG A 435 18.44 26.94 -14.44
CA ARG A 435 19.69 26.28 -14.08
C ARG A 435 20.85 27.33 -14.28
N PRO A 436 21.96 27.26 -13.48
CA PRO A 436 23.07 28.22 -13.70
C PRO A 436 23.76 28.00 -15.05
N ALA A 437 24.22 29.08 -15.72
CA ALA A 437 24.87 29.08 -17.04
C ALA A 437 26.05 28.08 -17.21
N ASP A 438 26.68 27.66 -16.07
CA ASP A 438 27.79 26.71 -16.00
C ASP A 438 27.32 25.27 -15.72
N THR A 439 25.98 25.03 -15.79
CA THR A 439 25.33 23.72 -15.56
C THR A 439 24.54 23.30 -16.82
N HIS A 440 24.58 21.98 -17.14
CA HIS A 440 23.96 21.40 -18.33
C HIS A 440 22.95 20.26 -18.03
N ASN A 441 21.95 20.58 -17.20
CA ASN A 441 20.92 19.63 -16.80
C ASN A 441 19.74 19.59 -17.78
N GLU A 442 19.32 18.38 -18.18
CA GLU A 442 18.11 18.28 -18.97
C GLU A 442 17.04 17.45 -18.26
N VAL A 443 15.78 17.82 -18.46
CA VAL A 443 14.67 17.11 -17.88
C VAL A 443 14.17 16.09 -18.88
N ARG A 444 14.10 14.83 -18.46
CA ARG A 444 13.58 13.69 -19.22
C ARG A 444 13.29 12.58 -18.26
N PHE A 445 12.54 11.57 -18.69
CA PHE A 445 12.23 10.41 -17.88
C PHE A 445 12.61 9.15 -18.66
N ASP A 446 12.90 8.03 -17.97
CA ASP A 446 13.18 6.79 -18.67
C ASP A 446 11.79 6.19 -19.09
N ARG A 447 11.77 4.92 -19.57
CA ARG A 447 10.55 4.20 -19.99
C ARG A 447 9.53 4.11 -18.85
N PHE A 448 10.03 4.08 -17.59
CA PHE A 448 9.20 3.88 -16.40
C PHE A 448 8.86 5.18 -15.69
N GLY A 449 9.22 6.28 -16.30
CA GLY A 449 8.91 7.62 -15.82
C GLY A 449 9.79 8.16 -14.72
N ASP A 450 11.01 7.61 -14.52
CA ASP A 450 11.90 8.04 -13.45
C ASP A 450 13.00 8.97 -13.91
N GLY A 451 13.53 9.76 -12.98
CA GLY A 451 14.66 10.68 -13.19
C GLY A 451 16.00 10.01 -13.00
N ILE A 452 17.05 10.76 -13.26
CA ILE A 452 18.39 10.23 -13.21
C ILE A 452 19.13 10.34 -11.88
N GLY A 453 19.62 9.18 -11.44
CA GLY A 453 20.29 8.98 -10.15
C GLY A 453 21.56 9.75 -9.83
N ARG A 454 21.44 11.07 -9.45
CA ARG A 454 22.57 11.94 -9.03
C ARG A 454 22.41 12.50 -7.58
N TYR A 455 23.33 12.15 -6.66
CA TYR A 455 23.24 12.56 -5.26
C TYR A 455 24.43 13.31 -4.75
N ASN A 456 24.22 14.13 -3.72
CA ASN A 456 25.27 14.80 -2.97
C ASN A 456 25.42 14.11 -1.62
N ILE A 457 26.60 14.15 -1.08
CA ILE A 457 26.84 13.52 0.18
C ILE A 457 27.40 14.48 1.19
N PHE A 458 26.79 14.51 2.33
CA PHE A 458 27.11 15.48 3.35
C PHE A 458 27.56 14.87 4.66
N THR A 459 28.12 15.73 5.51
CA THR A 459 28.51 15.44 6.87
C THR A 459 27.97 16.61 7.69
N TYR A 460 27.42 16.29 8.89
CA TYR A 460 26.93 17.26 9.84
C TYR A 460 28.05 17.48 10.85
N LEU A 461 28.69 18.66 10.81
CA LEU A 461 29.84 18.98 11.67
C LEU A 461 29.73 20.31 12.38
N ARG A 462 30.50 20.49 13.48
CA ARG A 462 30.54 21.75 14.21
C ARG A 462 31.74 22.48 13.72
N ALA A 463 31.49 23.61 13.02
CA ALA A 463 32.50 24.51 12.46
C ALA A 463 33.05 25.44 13.55
N GLY A 466 31.38 28.80 15.75
CA GLY A 466 31.21 27.39 16.05
C GLY A 466 29.79 26.90 15.84
N ARG A 467 29.25 27.19 14.64
CA ARG A 467 27.91 26.76 14.27
C ARG A 467 27.99 25.31 13.73
N TYR A 468 26.88 24.57 13.84
CA TYR A 468 26.80 23.20 13.30
C TYR A 468 26.26 23.35 11.91
N ARG A 469 26.95 22.76 10.93
CA ARG A 469 26.53 22.88 9.54
C ARG A 469 26.63 21.57 8.74
N TYR A 470 26.03 21.58 7.55
CA TYR A 470 26.10 20.45 6.61
C TYR A 470 27.21 20.78 5.60
N GLN A 471 28.14 19.83 5.38
CA GLN A 471 29.25 19.98 4.46
C GLN A 471 29.26 18.90 3.39
N LYS A 472 29.20 19.31 2.11
CA LYS A 472 29.32 18.41 0.97
C LYS A 472 30.73 17.84 0.99
N VAL A 473 30.81 16.51 1.08
CA VAL A 473 32.06 15.74 1.15
C VAL A 473 32.18 14.77 -0.05
N GLY A 474 31.24 14.81 -0.98
CA GLY A 474 31.24 13.92 -2.11
C GLY A 474 29.93 13.81 -2.85
N TYR A 475 29.87 12.90 -3.81
CA TYR A 475 28.69 12.69 -4.64
C TYR A 475 28.59 11.26 -5.13
N TRP A 476 27.39 10.88 -5.58
CA TRP A 476 27.20 9.57 -6.19
C TRP A 476 26.53 9.77 -7.55
N ALA A 477 27.20 9.25 -8.59
CA ALA A 477 26.75 9.33 -9.97
C ALA A 477 27.31 8.10 -10.72
N GLU A 478 26.55 6.98 -10.66
CA GLU A 478 26.93 5.69 -11.25
C GLU A 478 28.34 5.35 -10.73
N GLY A 479 28.51 5.46 -9.42
CA GLY A 479 29.76 5.27 -8.71
C GLY A 479 29.98 6.34 -7.66
N LEU A 480 30.59 5.94 -6.52
CA LEU A 480 30.90 6.81 -5.39
C LEU A 480 32.20 7.60 -5.54
N THR A 481 32.14 8.88 -5.18
CA THR A 481 33.27 9.80 -5.14
C THR A 481 33.19 10.56 -3.81
N LEU A 482 34.24 10.51 -2.99
CA LEU A 482 34.23 11.29 -1.76
C LEU A 482 35.64 11.72 -1.32
N ASP A 483 35.76 12.93 -0.77
CA ASP A 483 37.02 13.48 -0.26
C ASP A 483 37.08 13.32 1.26
N THR A 484 37.88 12.33 1.73
CA THR A 484 38.07 11.99 3.15
C THR A 484 38.69 13.12 3.98
N SER A 485 39.29 14.12 3.29
CA SER A 485 39.91 15.32 3.85
C SER A 485 38.85 16.23 4.51
N LEU A 486 37.65 16.33 3.89
CA LEU A 486 36.54 17.17 4.34
C LEU A 486 35.81 16.66 5.61
N ILE A 487 35.89 15.35 5.89
CA ILE A 487 35.24 14.75 7.07
C ILE A 487 36.23 14.77 8.27
N PRO A 488 35.82 15.33 9.44
CA PRO A 488 36.76 15.45 10.58
C PRO A 488 37.16 14.15 11.30
N TRP A 489 36.95 12.97 10.65
CA TRP A 489 37.34 11.65 11.16
C TRP A 489 37.56 10.63 10.04
N LYS B 25 -15.34 -6.72 -16.70
CA LYS B 25 -16.47 -5.99 -17.28
C LYS B 25 -17.87 -6.34 -16.71
N LYS B 26 -18.12 -7.63 -16.34
CA LYS B 26 -19.43 -8.11 -15.82
C LYS B 26 -19.69 -7.82 -14.32
N VAL B 27 -20.97 -7.80 -13.96
CA VAL B 27 -21.45 -7.53 -12.60
C VAL B 27 -22.72 -8.31 -12.30
N LEU B 28 -22.74 -8.92 -11.13
CA LEU B 28 -23.89 -9.63 -10.60
C LEU B 28 -24.74 -8.55 -9.89
N THR B 29 -25.97 -8.30 -10.37
CA THR B 29 -26.91 -7.35 -9.77
C THR B 29 -28.19 -8.08 -9.35
N LEU B 30 -28.59 -7.91 -8.09
CA LEU B 30 -29.83 -8.42 -7.53
C LEU B 30 -30.56 -7.23 -6.88
N GLU B 31 -31.89 -7.18 -7.03
CA GLU B 31 -32.69 -6.09 -6.48
C GLU B 31 -33.02 -6.31 -5.02
N GLY B 32 -33.08 -5.19 -4.29
CA GLY B 32 -33.46 -5.14 -2.89
C GLY B 32 -33.78 -3.72 -2.44
N ASP B 33 -34.28 -3.57 -1.21
CA ASP B 33 -34.54 -2.27 -0.57
C ASP B 33 -33.22 -1.68 -0.15
N LEU B 34 -32.26 -2.58 0.13
CA LEU B 34 -30.88 -2.27 0.49
C LEU B 34 -30.01 -3.18 -0.33
N VAL B 35 -28.93 -2.59 -0.90
CA VAL B 35 -28.03 -3.32 -1.78
C VAL B 35 -26.68 -3.47 -1.13
N LEU B 36 -26.28 -4.75 -0.97
CA LEU B 36 -24.98 -5.11 -0.44
C LEU B 36 -23.99 -5.34 -1.54
N GLY B 37 -22.88 -4.61 -1.46
CA GLY B 37 -21.78 -4.77 -2.39
C GLY B 37 -21.08 -6.08 -2.11
N GLY B 38 -20.46 -6.61 -3.13
CA GLY B 38 -19.72 -7.86 -2.98
C GLY B 38 -18.44 -7.78 -3.75
N LEU B 39 -17.40 -8.44 -3.25
CA LEU B 39 -16.13 -8.48 -3.95
C LEU B 39 -15.47 -9.85 -3.75
N PHE B 40 -15.31 -10.57 -4.87
CA PHE B 40 -14.76 -11.93 -4.90
C PHE B 40 -13.73 -12.06 -5.98
N PRO B 41 -12.70 -12.92 -5.79
CA PRO B 41 -11.75 -13.16 -6.88
C PRO B 41 -12.34 -14.22 -7.80
N VAL B 42 -13.41 -13.90 -8.55
CA VAL B 42 -14.05 -14.89 -9.44
C VAL B 42 -13.00 -15.46 -10.44
N HIS B 43 -12.04 -14.59 -10.87
CA HIS B 43 -10.96 -15.00 -11.78
C HIS B 43 -9.63 -14.89 -11.14
N GLN B 44 -8.68 -15.67 -11.69
CA GLN B 44 -7.28 -15.58 -11.32
C GLN B 44 -6.73 -14.32 -12.02
N LYS B 45 -5.51 -13.91 -11.67
CA LYS B 45 -4.91 -12.76 -12.34
C LYS B 45 -4.50 -13.14 -13.75
N GLY B 46 -4.54 -12.15 -14.63
CA GLY B 46 -4.14 -12.29 -16.03
C GLY B 46 -2.68 -12.66 -16.24
N GLY B 47 -2.33 -12.89 -17.50
CA GLY B 47 -0.97 -13.25 -17.87
C GLY B 47 -0.14 -12.02 -18.20
N PRO B 48 0.89 -12.17 -19.09
CA PRO B 48 1.68 -10.98 -19.47
C PRO B 48 0.81 -10.02 -20.27
N ALA B 49 -0.13 -10.57 -21.07
CA ALA B 49 -1.05 -9.82 -21.92
C ALA B 49 -2.30 -9.30 -21.21
N GLU B 50 -3.14 -10.23 -20.67
CA GLU B 50 -4.47 -10.00 -20.08
C GLU B 50 -4.53 -9.53 -18.63
N ASP B 51 -5.70 -8.97 -18.25
CA ASP B 51 -6.03 -8.49 -16.90
C ASP B 51 -6.60 -9.63 -16.05
N CYS B 52 -7.52 -10.45 -16.64
CA CYS B 52 -8.10 -11.57 -15.93
C CYS B 52 -7.70 -12.89 -16.56
N GLY B 53 -7.47 -13.88 -15.72
CA GLY B 53 -7.09 -15.22 -16.11
C GLY B 53 -8.23 -16.23 -15.97
N PRO B 54 -7.90 -17.51 -15.76
CA PRO B 54 -8.95 -18.52 -15.64
C PRO B 54 -9.77 -18.41 -14.35
N VAL B 55 -11.00 -18.93 -14.39
CA VAL B 55 -11.96 -18.94 -13.29
C VAL B 55 -11.37 -19.66 -12.06
N ASN B 56 -11.70 -19.13 -10.86
CA ASN B 56 -11.34 -19.62 -9.55
C ASN B 56 -12.55 -20.39 -9.07
N GLU B 57 -12.50 -21.71 -9.20
CA GLU B 57 -13.63 -22.57 -8.83
C GLU B 57 -13.98 -22.52 -7.34
N HIS B 58 -12.96 -22.62 -6.48
CA HIS B 58 -13.17 -22.71 -5.04
C HIS B 58 -13.24 -21.40 -4.31
N ARG B 59 -12.21 -20.56 -4.42
CA ARG B 59 -12.24 -19.31 -3.67
C ARG B 59 -12.93 -18.17 -4.46
N GLY B 60 -13.38 -18.49 -5.66
CA GLY B 60 -14.08 -17.53 -6.48
C GLY B 60 -15.56 -17.81 -6.48
N ILE B 61 -15.96 -18.77 -7.31
CA ILE B 61 -17.32 -19.20 -7.53
C ILE B 61 -18.04 -19.68 -6.23
N GLN B 62 -17.40 -20.60 -5.51
CA GLN B 62 -17.99 -21.17 -4.30
C GLN B 62 -18.19 -20.12 -3.24
N ARG B 63 -17.22 -19.17 -3.07
CA ARG B 63 -17.36 -18.07 -2.10
C ARG B 63 -18.42 -17.10 -2.50
N LEU B 64 -18.50 -16.79 -3.78
CA LEU B 64 -19.52 -15.90 -4.31
C LEU B 64 -20.91 -16.56 -4.09
N GLU B 65 -21.01 -17.89 -4.33
CA GLU B 65 -22.29 -18.59 -4.22
C GLU B 65 -22.77 -18.60 -2.80
N ALA B 66 -21.80 -18.67 -1.85
CA ALA B 66 -22.05 -18.63 -0.43
C ALA B 66 -22.74 -17.29 -0.05
N MET B 67 -22.35 -16.14 -0.68
CA MET B 67 -22.97 -14.82 -0.45
C MET B 67 -24.41 -14.86 -0.93
N LEU B 68 -24.68 -15.48 -2.10
CA LEU B 68 -26.01 -15.62 -2.70
C LEU B 68 -26.90 -16.52 -1.88
N PHE B 69 -26.39 -17.67 -1.46
CA PHE B 69 -27.03 -18.62 -0.57
C PHE B 69 -27.45 -17.84 0.72
N ALA B 70 -26.47 -17.10 1.32
CA ALA B 70 -26.64 -16.28 2.51
C ALA B 70 -27.71 -15.20 2.33
N LEU B 71 -27.67 -14.43 1.21
CA LEU B 71 -28.68 -13.39 0.98
C LEU B 71 -30.04 -14.03 0.88
N ASP B 72 -30.21 -15.12 0.05
CA ASP B 72 -31.47 -15.90 -0.09
C ASP B 72 -32.08 -16.25 1.29
N ARG B 73 -31.30 -16.92 2.19
CA ARG B 73 -31.72 -17.36 3.53
C ARG B 73 -32.24 -16.23 4.39
N ILE B 74 -31.52 -15.10 4.38
CA ILE B 74 -31.83 -13.90 5.15
C ILE B 74 -33.12 -13.31 4.63
N ASN B 75 -33.33 -13.40 3.30
CA ASN B 75 -34.46 -12.84 2.59
C ASN B 75 -35.74 -13.64 2.81
N ARG B 76 -35.62 -14.81 3.46
CA ARG B 76 -36.76 -15.65 3.81
C ARG B 76 -36.75 -15.93 5.34
N ASP B 77 -35.79 -15.32 6.06
CA ASP B 77 -35.69 -15.43 7.52
C ASP B 77 -36.78 -14.55 8.15
N PRO B 78 -37.79 -15.13 8.85
CA PRO B 78 -38.83 -14.28 9.48
C PRO B 78 -38.34 -13.38 10.62
N HIS B 79 -37.15 -13.63 11.20
CA HIS B 79 -36.60 -12.88 12.34
C HIS B 79 -35.40 -11.98 12.00
N LEU B 80 -35.16 -11.71 10.70
CA LEU B 80 -34.02 -10.93 10.26
C LEU B 80 -34.41 -10.17 9.01
N LEU B 81 -34.58 -8.82 9.16
CA LEU B 81 -35.05 -7.87 8.17
C LEU B 81 -36.26 -8.45 7.45
N PRO B 82 -37.34 -8.80 8.20
CA PRO B 82 -38.51 -9.42 7.54
C PRO B 82 -39.24 -8.52 6.54
N GLY B 83 -39.06 -7.21 6.61
CA GLY B 83 -39.71 -6.26 5.71
C GLY B 83 -38.76 -5.50 4.80
N VAL B 84 -37.44 -5.72 4.95
CA VAL B 84 -36.42 -5.08 4.09
C VAL B 84 -35.67 -6.18 3.33
N ARG B 85 -35.84 -6.25 1.99
CA ARG B 85 -35.12 -7.24 1.17
C ARG B 85 -33.70 -6.79 0.85
N LEU B 86 -32.75 -7.70 1.05
CA LEU B 86 -31.34 -7.44 0.78
C LEU B 86 -31.00 -7.90 -0.63
N GLY B 87 -30.63 -6.94 -1.47
CA GLY B 87 -30.17 -7.16 -2.85
C GLY B 87 -28.65 -7.18 -2.92
N ALA B 88 -28.08 -7.34 -4.11
CA ALA B 88 -26.61 -7.42 -4.28
C ALA B 88 -26.07 -6.71 -5.49
N HIS B 89 -24.77 -6.40 -5.44
CA HIS B 89 -24.03 -5.79 -6.52
C HIS B 89 -22.63 -6.31 -6.32
N ILE B 90 -22.40 -7.51 -6.86
CA ILE B 90 -21.16 -8.25 -6.73
C ILE B 90 -20.21 -8.05 -7.93
N LEU B 91 -18.92 -7.88 -7.59
CA LEU B 91 -17.83 -7.59 -8.48
C LEU B 91 -16.69 -8.58 -8.38
N ASP B 92 -15.97 -8.75 -9.49
CA ASP B 92 -14.87 -9.65 -9.62
C ASP B 92 -13.59 -8.83 -9.48
N SER B 93 -12.75 -9.20 -8.53
CA SER B 93 -11.51 -8.49 -8.26
C SER B 93 -10.41 -8.89 -9.22
N CYS B 94 -10.54 -10.09 -9.86
CA CYS B 94 -9.58 -10.74 -10.75
C CYS B 94 -8.28 -11.00 -10.06
N SER B 95 -8.34 -11.25 -8.73
CA SER B 95 -7.20 -11.56 -7.82
C SER B 95 -6.08 -10.49 -7.88
N LYS B 96 -6.50 -9.24 -8.22
CA LYS B 96 -5.62 -8.11 -8.49
C LYS B 96 -6.21 -6.80 -7.99
N ASP B 97 -5.50 -6.11 -7.08
CA ASP B 97 -5.94 -4.83 -6.49
C ASP B 97 -6.23 -3.71 -7.51
N THR B 98 -5.46 -3.57 -8.60
CA THR B 98 -5.70 -2.51 -9.58
C THR B 98 -7.04 -2.68 -10.25
N HIS B 99 -7.38 -3.94 -10.64
CA HIS B 99 -8.62 -4.34 -11.28
C HIS B 99 -9.75 -4.11 -10.28
N ALA B 100 -9.59 -4.63 -9.05
CA ALA B 100 -10.59 -4.51 -8.00
C ALA B 100 -10.98 -3.08 -7.73
N LEU B 101 -10.00 -2.18 -7.76
CA LEU B 101 -10.26 -0.78 -7.50
C LEU B 101 -11.06 -0.13 -8.63
N GLU B 102 -10.73 -0.47 -9.90
CA GLU B 102 -11.46 -0.01 -11.08
C GLU B 102 -12.95 -0.42 -10.91
N GLN B 103 -13.19 -1.67 -10.43
CA GLN B 103 -14.52 -2.21 -10.19
C GLN B 103 -15.19 -1.56 -8.99
N ALA B 104 -14.45 -1.40 -7.86
CA ALA B 104 -14.95 -0.76 -6.65
C ALA B 104 -15.46 0.70 -6.83
N LEU B 105 -15.13 1.39 -7.94
CA LEU B 105 -15.68 2.70 -8.26
C LEU B 105 -17.21 2.62 -8.39
N ASP B 106 -17.73 1.46 -8.85
CA ASP B 106 -19.17 1.18 -8.91
C ASP B 106 -19.81 1.39 -7.55
N PHE B 107 -19.12 1.04 -6.45
CA PHE B 107 -19.68 1.19 -5.10
C PHE B 107 -19.79 2.62 -4.66
N VAL B 108 -18.89 3.49 -5.15
CA VAL B 108 -18.79 4.89 -4.71
C VAL B 108 -19.38 5.89 -5.70
N ARG B 109 -19.84 5.44 -6.88
CA ARG B 109 -20.38 6.34 -7.90
C ARG B 109 -21.74 6.98 -7.56
N ALA B 110 -22.36 6.63 -6.40
CA ALA B 110 -23.62 7.24 -5.96
C ALA B 110 -23.39 8.69 -5.44
N SER B 111 -22.10 9.12 -5.31
CA SER B 111 -21.65 10.42 -4.83
C SER B 111 -20.27 10.75 -5.40
N THR B 136 -27.31 3.64 -8.10
CA THR B 136 -27.89 2.86 -7.00
C THR B 136 -27.01 2.87 -5.75
N ALA B 137 -27.64 3.02 -4.57
CA ALA B 137 -26.93 3.10 -3.30
C ALA B 137 -26.44 1.75 -2.75
N ILE B 138 -25.14 1.66 -2.46
CA ILE B 138 -24.50 0.49 -1.86
C ILE B 138 -24.45 0.78 -0.39
N THR B 139 -25.08 -0.08 0.38
CA THR B 139 -25.11 0.11 1.81
C THR B 139 -23.74 -0.30 2.47
N GLY B 140 -23.24 -1.49 2.16
CA GLY B 140 -21.96 -1.93 2.68
C GLY B 140 -21.33 -2.88 1.70
N VAL B 141 -20.05 -3.22 1.90
CA VAL B 141 -19.32 -4.12 1.01
C VAL B 141 -18.86 -5.37 1.76
N ILE B 142 -19.06 -6.53 1.14
CA ILE B 142 -18.60 -7.85 1.59
C ILE B 142 -17.41 -8.26 0.72
N GLY B 143 -16.22 -8.27 1.32
CA GLY B 143 -14.97 -8.63 0.65
C GLY B 143 -13.79 -7.74 0.97
N GLY B 144 -12.63 -7.95 0.33
CA GLY B 144 -12.39 -9.01 -0.62
C GLY B 144 -11.73 -10.23 0.02
N SER B 145 -11.03 -11.01 -0.80
CA SER B 145 -10.37 -12.19 -0.28
C SER B 145 -8.96 -11.80 0.11
N TYR B 146 -8.14 -11.47 -0.89
CA TYR B 146 -6.77 -11.05 -0.75
C TYR B 146 -6.65 -9.75 0.00
N SER B 147 -5.69 -9.69 0.94
CA SER B 147 -5.38 -8.52 1.78
C SER B 147 -5.10 -7.26 0.99
N ASP B 148 -4.25 -7.36 -0.07
CA ASP B 148 -3.89 -6.23 -0.93
C ASP B 148 -5.13 -5.63 -1.60
N VAL B 149 -6.09 -6.50 -2.00
CA VAL B 149 -7.39 -6.11 -2.57
C VAL B 149 -8.21 -5.41 -1.48
N SER B 150 -8.34 -5.99 -0.29
CA SER B 150 -9.12 -5.39 0.83
C SER B 150 -8.60 -4.07 1.32
N ILE B 151 -7.25 -3.92 1.36
CA ILE B 151 -6.60 -2.69 1.83
C ILE B 151 -6.88 -1.53 0.87
N GLN B 152 -6.72 -1.76 -0.42
CA GLN B 152 -6.92 -0.73 -1.45
C GLN B 152 -8.35 -0.31 -1.52
N VAL B 153 -9.25 -1.29 -1.37
CA VAL B 153 -10.68 -1.06 -1.46
C VAL B 153 -11.12 -0.27 -0.28
N ALA B 154 -10.59 -0.57 0.88
CA ALA B 154 -10.86 0.14 2.13
C ALA B 154 -10.34 1.55 2.04
N ASN B 155 -9.16 1.75 1.41
CA ASN B 155 -8.62 3.09 1.22
C ASN B 155 -9.57 3.99 0.43
N LEU B 156 -10.39 3.37 -0.46
CA LEU B 156 -11.41 4.08 -1.23
C LEU B 156 -12.76 4.18 -0.50
N LEU B 157 -13.29 3.05 0.02
CA LEU B 157 -14.60 3.07 0.69
C LEU B 157 -14.66 3.95 1.90
N ARG B 158 -13.54 4.11 2.65
CA ARG B 158 -13.51 5.01 3.83
C ARG B 158 -13.84 6.49 3.48
N LEU B 159 -13.43 6.95 2.27
CA LEU B 159 -13.67 8.29 1.75
C LEU B 159 -15.16 8.62 1.55
N PHE B 160 -15.98 7.59 1.44
CA PHE B 160 -17.40 7.69 1.18
C PHE B 160 -18.16 7.07 2.34
N GLN B 161 -17.40 6.77 3.40
CA GLN B 161 -17.81 6.17 4.65
C GLN B 161 -18.74 4.96 4.40
N ILE B 162 -18.21 3.98 3.62
CA ILE B 162 -18.92 2.74 3.28
C ILE B 162 -18.38 1.60 4.13
N PRO B 163 -19.21 1.00 5.00
CA PRO B 163 -18.71 -0.14 5.79
C PRO B 163 -18.25 -1.35 4.92
N GLN B 164 -17.16 -2.01 5.34
CA GLN B 164 -16.58 -3.15 4.63
C GLN B 164 -16.31 -4.30 5.57
N ILE B 165 -16.79 -5.53 5.20
CA ILE B 165 -16.54 -6.75 5.97
C ILE B 165 -15.88 -7.79 5.08
N SER B 166 -14.64 -8.14 5.40
CA SER B 166 -13.91 -9.17 4.67
C SER B 166 -14.17 -10.51 5.32
N TYR B 167 -14.13 -11.59 4.55
CA TYR B 167 -14.41 -12.96 4.99
C TYR B 167 -13.14 -13.83 4.91
N ALA B 168 -12.01 -13.26 4.42
CA ALA B 168 -10.74 -13.97 4.20
C ALA B 168 -9.45 -13.12 4.36
N SER B 169 -9.52 -11.76 4.35
CA SER B 169 -8.30 -10.93 4.51
C SER B 169 -7.75 -10.99 5.93
N THR B 170 -6.54 -11.51 6.06
CA THR B 170 -5.98 -11.70 7.39
C THR B 170 -4.80 -10.76 7.72
N SER B 171 -4.40 -9.83 6.82
CA SER B 171 -3.27 -8.93 7.12
C SER B 171 -3.50 -8.16 8.41
N ALA B 172 -2.48 -8.20 9.30
CA ALA B 172 -2.49 -7.53 10.60
C ALA B 172 -2.59 -6.01 10.43
N LYS B 173 -2.22 -5.50 9.25
CA LYS B 173 -2.30 -4.09 8.86
C LYS B 173 -3.74 -3.59 8.94
N LEU B 174 -4.71 -4.48 8.63
CA LEU B 174 -6.14 -4.15 8.64
C LEU B 174 -6.75 -3.95 10.06
N SER B 175 -5.97 -4.23 11.14
CA SER B 175 -6.35 -4.03 12.55
C SER B 175 -6.18 -2.59 12.96
N ASP B 176 -5.48 -1.78 12.14
CA ASP B 176 -5.25 -0.36 12.42
C ASP B 176 -6.46 0.48 12.05
N LYS B 177 -7.30 0.87 13.05
CA LYS B 177 -8.50 1.73 12.85
C LYS B 177 -8.17 3.23 12.64
N SER B 178 -6.91 3.62 12.78
CA SER B 178 -6.59 5.01 12.42
C SER B 178 -6.52 5.11 10.88
N ARG B 179 -6.22 3.98 10.21
CA ARG B 179 -6.14 3.89 8.75
C ARG B 179 -7.38 3.24 8.08
N TYR B 180 -7.89 2.16 8.65
CA TYR B 180 -9.01 1.38 8.09
C TYR B 180 -10.18 1.46 9.02
N ASP B 181 -10.69 2.67 9.19
CA ASP B 181 -11.74 3.04 10.14
C ASP B 181 -13.15 2.54 9.75
N TYR B 182 -13.34 1.97 8.55
CA TYR B 182 -14.65 1.47 8.08
C TYR B 182 -14.60 -0.01 7.73
N PHE B 183 -13.56 -0.71 8.26
CA PHE B 183 -13.27 -2.10 7.96
C PHE B 183 -13.40 -3.01 9.15
N ALA B 184 -14.02 -4.17 8.93
CA ALA B 184 -14.19 -5.26 9.89
C ALA B 184 -14.00 -6.59 9.11
N ARG B 185 -13.75 -7.66 9.87
CA ARG B 185 -13.58 -9.00 9.30
C ARG B 185 -14.10 -10.12 10.20
N THR B 186 -14.64 -11.17 9.55
CA THR B 186 -15.10 -12.38 10.26
C THR B 186 -13.88 -13.33 10.50
N VAL B 187 -12.66 -12.80 10.31
CA VAL B 187 -11.43 -13.56 10.45
C VAL B 187 -10.42 -12.86 11.38
N PRO B 188 -9.56 -13.65 12.05
CA PRO B 188 -8.54 -13.04 12.89
C PRO B 188 -7.34 -12.49 12.11
N PRO B 189 -6.51 -11.58 12.70
CA PRO B 189 -5.30 -11.14 11.98
C PRO B 189 -4.20 -12.19 12.02
N ASP B 190 -3.27 -12.14 11.06
CA ASP B 190 -2.16 -13.08 10.93
C ASP B 190 -1.17 -13.03 12.07
N PHE B 191 -1.36 -12.07 13.03
CA PHE B 191 -0.57 -11.96 14.26
C PHE B 191 -0.62 -13.31 15.01
N PHE B 192 -1.81 -13.97 14.98
CA PHE B 192 -2.05 -15.26 15.63
C PHE B 192 -1.55 -16.45 14.81
N GLN B 193 -1.66 -16.37 13.48
CA GLN B 193 -1.20 -17.40 12.55
C GLN B 193 0.33 -17.52 12.59
N ALA B 194 1.06 -16.38 12.60
CA ALA B 194 2.53 -16.35 12.67
C ALA B 194 3.03 -16.98 13.96
N LYS B 195 2.34 -16.74 15.09
CA LYS B 195 2.62 -17.30 16.40
C LYS B 195 2.44 -18.84 16.32
N ALA B 196 1.27 -19.32 15.85
CA ALA B 196 1.00 -20.74 15.63
C ALA B 196 2.10 -21.45 14.82
N MET B 197 2.56 -20.83 13.71
CA MET B 197 3.59 -21.40 12.84
C MET B 197 4.93 -21.53 13.52
N ALA B 198 5.34 -20.47 14.25
CA ALA B 198 6.59 -20.43 15.01
C ALA B 198 6.58 -21.54 16.08
N GLU B 199 5.43 -21.69 16.81
CA GLU B 199 5.23 -22.70 17.85
C GLU B 199 5.39 -24.15 17.34
N ILE B 200 4.97 -24.42 16.08
CA ILE B 200 5.10 -25.74 15.44
C ILE B 200 6.58 -26.06 15.24
N LEU B 201 7.34 -25.10 14.70
CA LEU B 201 8.77 -25.26 14.45
C LEU B 201 9.46 -25.61 15.75
N ARG B 202 9.16 -24.83 16.82
CA ARG B 202 9.68 -25.00 18.18
C ARG B 202 9.44 -26.40 18.72
N PHE B 203 8.19 -26.90 18.65
CA PHE B 203 7.80 -28.22 19.12
C PHE B 203 8.64 -29.32 18.47
N PHE B 204 8.76 -29.34 17.14
CA PHE B 204 9.54 -30.33 16.42
C PHE B 204 11.04 -30.05 16.45
N ASN B 205 11.44 -28.98 17.17
CA ASN B 205 12.83 -28.52 17.34
C ASN B 205 13.47 -28.22 15.97
N TRP B 206 12.81 -27.34 15.21
CA TRP B 206 13.28 -26.93 13.88
C TRP B 206 13.90 -25.55 13.98
N THR B 207 15.15 -25.53 14.43
CA THR B 207 15.98 -24.37 14.73
C THR B 207 16.48 -23.62 13.47
N TYR B 208 16.80 -24.35 12.39
CA TYR B 208 17.30 -23.75 11.14
C TYR B 208 16.31 -23.95 10.03
N VAL B 209 15.66 -22.84 9.63
CA VAL B 209 14.58 -22.81 8.63
C VAL B 209 14.81 -21.69 7.61
N SER B 210 14.19 -21.83 6.45
CA SER B 210 14.17 -20.78 5.44
C SER B 210 12.74 -20.21 5.34
N THR B 211 12.59 -19.01 4.76
CA THR B 211 11.27 -18.43 4.58
C THR B 211 11.06 -18.02 3.15
N VAL B 212 9.79 -18.17 2.69
CA VAL B 212 9.34 -17.72 1.37
C VAL B 212 8.06 -16.91 1.60
N ALA B 213 8.04 -15.66 1.14
CA ALA B 213 6.90 -14.79 1.31
C ALA B 213 6.45 -14.19 0.02
N SER B 214 5.14 -13.96 -0.12
CA SER B 214 4.61 -13.33 -1.31
C SER B 214 4.72 -11.84 -1.16
N GLU B 215 4.95 -11.16 -2.28
CA GLU B 215 4.98 -9.69 -2.28
C GLU B 215 3.56 -9.22 -1.90
N GLY B 216 3.48 -8.25 -0.99
CA GLY B 216 2.22 -7.66 -0.60
C GLY B 216 1.97 -7.56 0.89
N ASP B 217 0.75 -7.14 1.20
CA ASP B 217 0.36 -6.94 2.57
C ASP B 217 0.10 -8.21 3.32
N TYR B 218 -0.08 -9.34 2.64
CA TYR B 218 -0.29 -10.60 3.33
C TYR B 218 1.04 -11.32 3.59
N GLY B 219 1.78 -11.55 2.52
CA GLY B 219 3.09 -12.22 2.55
C GLY B 219 4.14 -11.50 3.36
N GLU B 220 4.40 -10.23 3.01
CA GLU B 220 5.43 -9.43 3.68
C GLU B 220 5.12 -9.18 5.16
N THR B 221 3.89 -8.79 5.52
CA THR B 221 3.55 -8.50 6.90
C THR B 221 3.50 -9.78 7.76
N GLY B 222 2.97 -10.86 7.19
CA GLY B 222 2.87 -12.15 7.86
C GLY B 222 4.22 -12.79 8.15
N ILE B 223 5.14 -12.75 7.21
CA ILE B 223 6.45 -13.34 7.41
C ILE B 223 7.33 -12.50 8.30
N GLU B 224 7.18 -11.21 8.26
CA GLU B 224 7.86 -10.35 9.21
C GLU B 224 7.34 -10.64 10.64
N ALA B 225 6.05 -10.97 10.81
CA ALA B 225 5.50 -11.29 12.13
C ALA B 225 5.98 -12.67 12.61
N PHE B 226 6.15 -13.64 11.68
CA PHE B 226 6.67 -14.96 12.00
C PHE B 226 8.14 -14.81 12.41
N GLU B 227 8.90 -13.96 11.69
CA GLU B 227 10.30 -13.68 11.93
C GLU B 227 10.46 -13.21 13.37
N LEU B 228 9.58 -12.29 13.86
CA LEU B 228 9.54 -11.83 15.25
C LEU B 228 9.35 -13.01 16.20
N GLU B 229 8.37 -13.85 15.90
CA GLU B 229 8.00 -15.01 16.72
C GLU B 229 9.07 -16.13 16.73
N ALA B 230 9.86 -16.24 15.63
CA ALA B 230 10.93 -17.24 15.46
C ALA B 230 12.12 -16.87 16.32
N ARG B 231 12.49 -15.56 16.33
CA ARG B 231 13.57 -14.99 17.13
C ARG B 231 13.35 -15.40 18.61
N ALA B 232 12.18 -14.99 19.16
CA ALA B 232 11.70 -15.25 20.52
C ALA B 232 11.58 -16.74 20.90
N ARG B 233 11.83 -17.66 19.96
CA ARG B 233 11.77 -19.10 20.22
C ARG B 233 13.09 -19.77 19.82
N ASN B 234 14.18 -18.96 19.77
CA ASN B 234 15.54 -19.37 19.40
C ASN B 234 15.58 -20.15 18.05
N ILE B 235 14.76 -19.70 17.08
CA ILE B 235 14.64 -20.26 15.73
C ILE B 235 15.31 -19.23 14.83
N SER B 236 16.23 -19.68 13.95
CA SER B 236 17.01 -18.82 13.05
C SER B 236 16.69 -19.04 11.57
N VAL B 237 16.68 -17.94 10.80
CA VAL B 237 16.38 -18.03 9.38
C VAL B 237 17.64 -18.15 8.55
N ALA B 238 17.73 -19.22 7.74
CA ALA B 238 18.82 -19.47 6.81
C ALA B 238 18.79 -18.39 5.71
N THR B 239 17.71 -18.34 4.93
CA THR B 239 17.49 -17.40 3.84
C THR B 239 16.00 -17.00 3.76
N SER B 240 15.76 -15.73 3.38
CA SER B 240 14.44 -15.14 3.21
C SER B 240 14.26 -14.84 1.74
N GLU B 241 13.30 -15.51 1.11
CA GLU B 241 12.99 -15.29 -0.31
C GLU B 241 11.66 -14.58 -0.43
N LYS B 242 11.48 -13.84 -1.51
CA LYS B 242 10.26 -13.11 -1.82
C LYS B 242 9.79 -13.44 -3.24
N VAL B 243 8.51 -13.71 -3.37
CA VAL B 243 7.91 -14.03 -4.66
C VAL B 243 7.20 -12.75 -5.16
N GLY B 244 7.43 -12.40 -6.42
CA GLY B 244 6.81 -11.22 -7.02
C GLY B 244 5.44 -11.48 -7.59
N ARG B 245 4.71 -10.38 -7.85
CA ARG B 245 3.34 -10.37 -8.44
C ARG B 245 3.26 -10.95 -9.85
N ALA B 246 4.37 -10.97 -10.62
CA ALA B 246 4.35 -11.44 -12.00
C ALA B 246 5.54 -12.36 -12.40
N MET B 247 6.04 -13.18 -11.48
CA MET B 247 7.13 -14.12 -11.77
C MET B 247 6.74 -15.20 -12.78
N SER B 248 7.76 -15.80 -13.43
CA SER B 248 7.62 -16.85 -14.43
C SER B 248 8.01 -18.22 -13.83
N ARG B 249 7.77 -19.32 -14.60
CA ARG B 249 8.13 -20.67 -14.18
C ARG B 249 9.62 -20.81 -13.96
N ALA B 250 10.47 -20.25 -14.85
CA ALA B 250 11.93 -20.33 -14.69
C ALA B 250 12.40 -19.53 -13.48
N ALA B 251 11.74 -18.36 -13.22
CA ALA B 251 12.02 -17.51 -12.06
C ALA B 251 11.68 -18.23 -10.75
N PHE B 252 10.58 -19.02 -10.72
CA PHE B 252 10.17 -19.84 -9.56
C PHE B 252 11.17 -20.89 -9.26
N GLU B 253 11.78 -21.47 -10.31
CA GLU B 253 12.84 -22.48 -10.22
C GLU B 253 14.07 -21.88 -9.52
N GLY B 254 14.41 -20.63 -9.84
CA GLY B 254 15.51 -19.90 -9.23
C GLY B 254 15.36 -19.66 -7.73
N VAL B 255 14.12 -19.57 -7.24
CA VAL B 255 13.83 -19.38 -5.81
C VAL B 255 14.16 -20.71 -5.12
N VAL B 256 13.70 -21.82 -5.73
CA VAL B 256 13.96 -23.19 -5.29
C VAL B 256 15.51 -23.36 -5.18
N ARG B 257 16.24 -22.96 -6.25
CA ARG B 257 17.71 -23.02 -6.31
C ARG B 257 18.35 -22.22 -5.16
N ALA B 258 17.88 -20.97 -4.93
CA ALA B 258 18.37 -20.08 -3.86
C ALA B 258 18.19 -20.72 -2.48
N LEU B 259 17.09 -21.50 -2.32
CA LEU B 259 16.78 -22.23 -1.08
C LEU B 259 17.75 -23.39 -0.90
N LEU B 260 18.06 -24.13 -2.00
CA LEU B 260 18.97 -25.28 -2.03
C LEU B 260 20.44 -24.96 -1.70
N GLN B 261 20.86 -23.69 -1.91
CA GLN B 261 22.21 -23.19 -1.60
C GLN B 261 22.57 -23.32 -0.11
N LYS B 262 21.54 -23.35 0.75
CA LYS B 262 21.62 -23.55 2.20
C LYS B 262 20.99 -24.96 2.46
N PRO B 263 21.79 -26.05 2.33
CA PRO B 263 21.19 -27.40 2.46
C PRO B 263 20.91 -27.88 3.89
N SER B 264 21.42 -27.15 4.90
CA SER B 264 21.22 -27.43 6.33
C SER B 264 19.75 -27.17 6.69
N ALA B 265 19.13 -26.14 6.06
CA ALA B 265 17.74 -25.74 6.26
C ALA B 265 16.85 -26.41 5.23
N ARG B 266 16.29 -27.58 5.60
CA ARG B 266 15.40 -28.37 4.75
C ARG B 266 13.93 -27.94 4.96
N VAL B 267 13.66 -27.13 6.01
CA VAL B 267 12.33 -26.64 6.36
C VAL B 267 12.10 -25.26 5.78
N ALA B 268 11.06 -25.12 4.93
CA ALA B 268 10.69 -23.85 4.31
C ALA B 268 9.30 -23.36 4.78
N VAL B 269 9.30 -22.19 5.44
CA VAL B 269 8.12 -21.55 6.03
C VAL B 269 7.52 -20.60 4.99
N LEU B 270 6.27 -20.87 4.56
CA LEU B 270 5.61 -20.04 3.56
C LEU B 270 4.47 -19.17 4.09
N PHE B 271 4.51 -17.88 3.68
CA PHE B 271 3.44 -16.92 3.92
C PHE B 271 3.09 -16.41 2.52
N THR B 272 2.57 -17.33 1.73
CA THR B 272 2.27 -17.10 0.33
C THR B 272 0.81 -17.19 -0.10
N ARG B 273 0.52 -16.47 -1.18
CA ARG B 273 -0.74 -16.50 -1.91
C ARG B 273 -0.78 -17.91 -2.55
N SER B 274 -1.97 -18.50 -2.64
CA SER B 274 -2.17 -19.87 -3.19
C SER B 274 -1.44 -20.13 -4.51
N GLU B 275 -1.56 -19.18 -5.47
CA GLU B 275 -0.95 -19.26 -6.80
C GLU B 275 0.59 -19.37 -6.75
N ASP B 276 1.21 -18.74 -5.74
CA ASP B 276 2.66 -18.75 -5.48
C ASP B 276 3.06 -20.06 -4.85
N ALA B 277 2.30 -20.52 -3.83
CA ALA B 277 2.51 -21.82 -3.20
C ALA B 277 2.42 -22.92 -4.30
N ARG B 278 1.41 -22.85 -5.20
CA ARG B 278 1.21 -23.79 -6.31
C ARG B 278 2.45 -23.80 -7.24
N GLU B 279 2.83 -22.61 -7.73
CA GLU B 279 3.95 -22.43 -8.65
C GLU B 279 5.31 -22.83 -8.07
N LEU B 280 5.54 -22.55 -6.78
CA LEU B 280 6.76 -22.88 -6.07
C LEU B 280 6.89 -24.39 -5.88
N LEU B 281 5.78 -25.08 -5.61
CA LEU B 281 5.74 -26.53 -5.42
C LEU B 281 6.03 -27.27 -6.73
N ALA B 282 5.53 -26.72 -7.85
CA ALA B 282 5.69 -27.21 -9.23
C ALA B 282 7.14 -27.17 -9.64
N ALA B 283 7.86 -26.11 -9.21
CA ALA B 283 9.27 -25.92 -9.52
C ALA B 283 10.13 -26.89 -8.68
N SER B 284 9.74 -27.12 -7.40
CA SER B 284 10.39 -28.10 -6.52
C SER B 284 10.23 -29.49 -7.12
N GLN B 285 9.05 -29.75 -7.74
CA GLN B 285 8.76 -31.03 -8.40
C GLN B 285 9.72 -31.16 -9.59
N ARG B 286 9.61 -30.26 -10.58
CA ARG B 286 10.46 -30.17 -11.77
C ARG B 286 11.96 -30.24 -11.50
N LEU B 287 12.44 -29.70 -10.35
CA LEU B 287 13.86 -29.72 -10.03
C LEU B 287 14.23 -30.82 -9.04
N ASN B 288 13.26 -31.72 -8.72
CA ASN B 288 13.36 -32.84 -7.77
C ASN B 288 13.98 -32.43 -6.43
N ALA B 289 13.55 -31.25 -5.93
CA ALA B 289 14.02 -30.70 -4.65
C ALA B 289 13.15 -31.22 -3.56
N SER B 290 13.70 -31.36 -2.34
CA SER B 290 12.97 -31.86 -1.18
C SER B 290 13.07 -30.92 0.00
N PHE B 291 11.89 -30.39 0.41
CA PHE B 291 11.68 -29.46 1.53
C PHE B 291 10.52 -29.88 2.43
N THR B 292 10.61 -29.49 3.71
CA THR B 292 9.55 -29.69 4.70
C THR B 292 8.80 -28.35 4.71
N TRP B 293 7.63 -28.31 4.10
CA TRP B 293 6.90 -27.07 4.04
C TRP B 293 6.06 -26.84 5.29
N VAL B 294 6.04 -25.59 5.77
CA VAL B 294 5.23 -25.10 6.87
C VAL B 294 4.54 -23.86 6.28
N ALA B 295 3.30 -24.03 5.79
CA ALA B 295 2.58 -22.94 5.14
C ALA B 295 1.41 -22.37 5.91
N SER B 296 1.12 -21.09 5.58
CA SER B 296 0.00 -20.29 6.08
C SER B 296 -1.34 -20.64 5.32
N ASP B 297 -2.45 -19.97 5.64
CA ASP B 297 -3.80 -20.19 5.15
C ASP B 297 -3.95 -20.02 3.64
N GLY B 298 -2.97 -19.35 3.02
CA GLY B 298 -2.95 -19.12 1.58
C GLY B 298 -2.94 -20.44 0.86
N TRP B 299 -2.09 -21.36 1.35
CA TRP B 299 -1.99 -22.74 0.87
C TRP B 299 -3.14 -23.48 1.57
N GLY B 300 -3.15 -23.42 2.91
CA GLY B 300 -4.16 -24.04 3.77
C GLY B 300 -4.38 -25.50 3.44
N ALA B 301 -5.62 -25.84 3.07
CA ALA B 301 -5.98 -27.20 2.70
C ALA B 301 -6.53 -27.25 1.28
N LEU B 302 -6.05 -26.34 0.41
CA LEU B 302 -6.41 -26.25 -1.02
C LEU B 302 -5.80 -27.39 -1.82
N GLU B 303 -6.64 -28.19 -2.51
CA GLU B 303 -6.13 -29.27 -3.36
C GLU B 303 -5.43 -28.73 -4.65
N GLU B 304 -5.89 -27.57 -5.21
CA GLU B 304 -5.30 -26.93 -6.42
C GLU B 304 -3.84 -26.56 -6.26
N VAL B 305 -3.41 -26.28 -5.01
CA VAL B 305 -2.04 -25.95 -4.68
C VAL B 305 -1.13 -27.17 -4.90
N VAL B 306 -1.51 -28.34 -4.33
CA VAL B 306 -0.77 -29.60 -4.36
C VAL B 306 -1.02 -30.48 -5.61
N ALA B 307 -2.05 -30.17 -6.41
CA ALA B 307 -2.42 -30.92 -7.64
C ALA B 307 -1.26 -31.03 -8.66
N GLY B 308 -0.86 -32.26 -8.95
CA GLY B 308 0.22 -32.55 -9.88
C GLY B 308 1.60 -32.30 -9.32
N SER B 309 1.69 -31.96 -8.02
CA SER B 309 2.98 -31.71 -7.36
C SER B 309 3.02 -32.41 -6.00
N GLU B 310 2.07 -33.35 -5.79
CA GLU B 310 1.85 -34.15 -4.58
C GLU B 310 3.14 -34.71 -3.94
N GLY B 311 4.03 -35.23 -4.78
CA GLY B 311 5.31 -35.78 -4.35
C GLY B 311 6.13 -34.77 -3.60
N ALA B 312 6.33 -33.58 -4.24
CA ALA B 312 7.07 -32.43 -3.71
C ALA B 312 6.40 -31.81 -2.46
N ALA B 313 5.12 -32.10 -2.22
CA ALA B 313 4.32 -31.59 -1.11
C ALA B 313 4.24 -32.51 0.10
N GLU B 314 4.66 -33.80 -0.02
CA GLU B 314 4.54 -34.77 1.08
C GLU B 314 5.25 -34.33 2.36
N GLY B 315 4.56 -34.53 3.48
CA GLY B 315 5.04 -34.21 4.80
C GLY B 315 4.76 -32.79 5.27
N ALA B 316 4.32 -31.90 4.34
CA ALA B 316 4.01 -30.49 4.57
C ALA B 316 2.95 -30.26 5.61
N ILE B 317 3.24 -29.33 6.53
CA ILE B 317 2.38 -28.85 7.61
C ILE B 317 1.72 -27.54 7.14
N THR B 318 0.39 -27.45 7.20
CA THR B 318 -0.31 -26.24 6.77
C THR B 318 -1.31 -25.74 7.83
N ILE B 319 -1.59 -24.43 7.81
CA ILE B 319 -2.54 -23.77 8.71
C ILE B 319 -3.76 -23.36 7.90
N GLU B 320 -4.92 -23.35 8.56
CA GLU B 320 -6.19 -22.93 7.98
C GLU B 320 -7.13 -22.62 9.12
N LEU B 321 -7.87 -21.54 8.99
CA LEU B 321 -8.83 -21.05 9.97
C LEU B 321 -9.89 -22.09 10.20
N ALA B 322 -10.09 -22.44 11.49
CA ALA B 322 -11.06 -23.45 11.94
C ALA B 322 -12.47 -23.10 11.50
N SER B 323 -13.07 -24.01 10.73
CA SER B 323 -14.41 -23.83 10.17
C SER B 323 -15.13 -25.17 10.06
N TYR B 324 -16.46 -25.10 9.89
CA TYR B 324 -17.33 -26.26 9.81
C TYR B 324 -18.12 -26.34 8.51
N PRO B 325 -18.47 -27.57 8.05
CA PRO B 325 -19.26 -27.68 6.82
C PRO B 325 -20.68 -27.19 7.06
N ILE B 326 -21.31 -26.62 6.02
CA ILE B 326 -22.70 -26.18 6.04
C ILE B 326 -23.35 -27.04 4.98
N SER B 327 -24.01 -28.11 5.42
CA SER B 327 -24.68 -29.11 4.58
C SER B 327 -25.67 -28.47 3.61
N ASP B 328 -26.42 -27.48 4.09
CA ASP B 328 -27.40 -26.75 3.29
C ASP B 328 -26.68 -26.01 2.15
N PHE B 329 -25.46 -25.46 2.42
CA PHE B 329 -24.71 -24.83 1.35
C PHE B 329 -24.31 -25.89 0.32
N ALA B 330 -23.77 -27.03 0.78
CA ALA B 330 -23.39 -28.16 -0.07
C ALA B 330 -24.50 -28.58 -1.05
N SER B 331 -25.71 -28.80 -0.52
CA SER B 331 -26.89 -29.19 -1.30
C SER B 331 -27.22 -28.14 -2.36
N TYR B 332 -27.27 -26.85 -1.94
CA TYR B 332 -27.52 -25.68 -2.77
C TYR B 332 -26.53 -25.58 -3.96
N PHE B 333 -25.23 -25.68 -3.65
CA PHE B 333 -24.19 -25.59 -4.64
C PHE B 333 -24.24 -26.74 -5.66
N GLN B 334 -24.43 -27.94 -5.16
CA GLN B 334 -24.51 -29.09 -5.99
C GLN B 334 -25.76 -29.09 -6.81
N SER B 335 -26.69 -28.23 -6.49
CA SER B 335 -27.92 -28.15 -7.22
C SER B 335 -27.87 -27.16 -8.34
N LEU B 336 -26.79 -26.40 -8.43
CA LEU B 336 -26.70 -25.36 -9.42
C LEU B 336 -26.46 -25.88 -10.83
N ASP B 337 -27.05 -25.17 -11.78
CA ASP B 337 -27.32 -25.61 -13.12
C ASP B 337 -27.14 -24.50 -14.13
N PRO B 338 -26.27 -24.77 -15.19
CA PRO B 338 -26.17 -23.69 -16.17
C PRO B 338 -27.46 -23.09 -16.71
N TRP B 339 -28.59 -23.69 -16.43
CA TRP B 339 -29.82 -23.25 -17.03
C TRP B 339 -30.69 -22.63 -16.01
N ASN B 340 -30.41 -22.88 -14.75
CA ASN B 340 -31.13 -22.20 -13.71
C ASN B 340 -30.35 -21.14 -12.99
N ASN B 341 -29.11 -20.94 -13.37
CA ASN B 341 -28.29 -19.95 -12.74
C ASN B 341 -27.94 -18.72 -13.55
N SER B 342 -28.95 -18.08 -14.08
CA SER B 342 -28.85 -16.86 -14.87
C SER B 342 -28.37 -15.66 -14.06
N ARG B 343 -28.73 -15.62 -12.75
CA ARG B 343 -28.39 -14.54 -11.83
C ARG B 343 -26.88 -14.39 -11.62
N ASN B 344 -26.10 -15.47 -11.81
CA ASN B 344 -24.64 -15.40 -11.68
C ASN B 344 -24.02 -15.25 -13.13
N PRO B 345 -23.53 -14.05 -13.51
CA PRO B 345 -23.01 -13.86 -14.87
C PRO B 345 -21.82 -14.73 -15.27
N TRP B 346 -21.04 -15.24 -14.29
CA TRP B 346 -19.84 -16.03 -14.55
C TRP B 346 -20.04 -17.55 -14.45
N PHE B 347 -21.24 -18.02 -14.06
CA PHE B 347 -21.46 -19.46 -13.90
C PHE B 347 -21.36 -20.27 -15.18
N ARG B 348 -21.83 -19.73 -16.34
CA ARG B 348 -21.73 -20.45 -17.60
C ARG B 348 -20.24 -20.60 -17.97
N GLU B 349 -19.43 -19.54 -17.69
CA GLU B 349 -17.97 -19.56 -17.88
C GLU B 349 -17.33 -20.59 -16.94
N PHE B 350 -17.80 -20.67 -15.66
CA PHE B 350 -17.28 -21.66 -14.71
C PHE B 350 -17.54 -23.09 -15.21
N TRP B 351 -18.76 -23.35 -15.75
CA TRP B 351 -19.16 -24.69 -16.21
C TRP B 351 -18.25 -25.19 -17.33
N GLU B 352 -18.03 -24.38 -18.37
CA GLU B 352 -17.20 -24.68 -19.52
C GLU B 352 -15.77 -25.03 -19.09
N GLN B 353 -15.24 -24.29 -18.07
CA GLN B 353 -13.92 -24.57 -17.52
C GLN B 353 -13.91 -25.85 -16.74
N ARG B 354 -14.75 -25.94 -15.71
CA ARG B 354 -14.86 -27.11 -14.84
C ARG B 354 -15.08 -28.43 -15.62
N PHE B 355 -15.99 -28.41 -16.61
CA PHE B 355 -16.36 -29.61 -17.35
C PHE B 355 -15.76 -29.69 -18.77
N ARG B 356 -14.83 -28.79 -19.07
CA ARG B 356 -14.10 -28.70 -20.35
C ARG B 356 -15.03 -28.95 -21.52
N CYS B 357 -16.14 -28.24 -21.49
CA CYS B 357 -17.20 -28.34 -22.48
C CYS B 357 -17.42 -26.95 -23.05
N SER B 358 -18.46 -26.79 -23.90
CA SER B 358 -18.80 -25.56 -24.60
C SER B 358 -20.30 -25.59 -24.90
N PHE B 359 -21.04 -24.55 -24.50
CA PHE B 359 -22.47 -24.43 -24.75
C PHE B 359 -22.78 -24.29 -26.24
N ARG B 360 -21.87 -23.68 -27.03
CA ARG B 360 -22.01 -23.58 -28.48
C ARG B 360 -22.02 -24.99 -29.10
N GLN B 361 -21.16 -25.86 -28.58
CA GLN B 361 -20.99 -27.26 -29.00
C GLN B 361 -22.04 -28.18 -28.45
N ARG B 362 -23.02 -27.65 -27.72
CA ARG B 362 -24.09 -28.44 -27.12
C ARG B 362 -23.57 -29.73 -26.41
N ASP B 363 -22.46 -29.63 -25.66
CA ASP B 363 -21.87 -30.78 -24.95
C ASP B 363 -21.66 -30.53 -23.44
N CYS B 364 -22.43 -29.55 -22.88
CA CYS B 364 -22.32 -29.15 -21.48
C CYS B 364 -23.38 -29.77 -20.58
N ALA B 365 -24.61 -29.99 -21.10
CA ALA B 365 -25.75 -30.56 -20.35
C ALA B 365 -25.50 -31.94 -19.75
N ALA B 366 -24.63 -32.71 -20.41
CA ALA B 366 -24.16 -34.05 -20.04
C ALA B 366 -23.66 -34.16 -18.60
N HIS B 367 -23.10 -33.05 -18.05
CA HIS B 367 -22.48 -32.97 -16.72
C HIS B 367 -23.38 -32.44 -15.57
N SER B 368 -22.97 -32.75 -14.33
CA SER B 368 -23.65 -32.38 -13.09
C SER B 368 -22.67 -32.11 -11.94
N LEU B 369 -23.07 -31.22 -11.03
CA LEU B 369 -22.31 -30.90 -9.82
C LEU B 369 -22.65 -31.93 -8.74
N ARG B 370 -23.76 -32.69 -8.97
CA ARG B 370 -24.28 -33.76 -8.12
C ARG B 370 -23.56 -35.08 -8.38
N ALA B 371 -23.10 -35.30 -9.63
CA ALA B 371 -22.39 -36.52 -10.07
C ALA B 371 -20.88 -36.46 -9.83
N VAL B 372 -20.36 -35.29 -9.42
CA VAL B 372 -18.94 -35.07 -9.14
C VAL B 372 -18.72 -34.89 -7.61
N PRO B 373 -17.50 -35.11 -7.06
CA PRO B 373 -17.29 -34.95 -5.59
C PRO B 373 -17.41 -33.50 -5.11
N PHE B 374 -17.80 -33.27 -3.82
CA PHE B 374 -17.93 -31.90 -3.29
C PHE B 374 -17.15 -31.63 -2.01
N GLU B 375 -16.09 -30.84 -2.15
CA GLU B 375 -15.28 -30.36 -1.03
C GLU B 375 -15.66 -28.87 -0.86
N GLN B 376 -16.10 -28.51 0.32
CA GLN B 376 -16.52 -27.18 0.61
C GLN B 376 -15.30 -26.35 0.82
N GLU B 377 -15.31 -25.13 0.36
CA GLU B 377 -14.15 -24.27 0.53
C GLU B 377 -14.06 -23.88 2.01
N SER B 378 -12.88 -24.02 2.59
CA SER B 378 -12.67 -23.78 4.00
C SER B 378 -13.22 -22.45 4.57
N LYS B 379 -13.25 -21.34 3.81
CA LYS B 379 -13.73 -20.08 4.39
C LYS B 379 -15.20 -19.71 4.02
N ILE B 380 -16.04 -20.72 3.65
CA ILE B 380 -17.46 -20.49 3.30
C ILE B 380 -18.21 -19.93 4.52
N MET B 381 -17.92 -20.47 5.71
CA MET B 381 -18.48 -20.07 7.01
C MET B 381 -18.25 -18.57 7.25
N PHE B 382 -17.04 -18.06 6.93
CA PHE B 382 -16.75 -16.63 7.10
C PHE B 382 -17.44 -15.75 6.03
N VAL B 383 -17.77 -16.30 4.82
CA VAL B 383 -18.53 -15.56 3.80
C VAL B 383 -19.96 -15.33 4.34
N VAL B 384 -20.62 -16.43 4.71
CA VAL B 384 -21.95 -16.44 5.32
C VAL B 384 -21.96 -15.52 6.55
N ASN B 385 -21.04 -15.69 7.48
CA ASN B 385 -21.01 -14.88 8.68
C ASN B 385 -20.86 -13.40 8.40
N ALA B 386 -20.03 -13.04 7.38
CA ALA B 386 -19.83 -11.63 6.98
C ALA B 386 -21.16 -11.03 6.52
N VAL B 387 -21.90 -11.78 5.67
CA VAL B 387 -23.16 -11.34 5.10
C VAL B 387 -24.18 -11.13 6.20
N TYR B 388 -24.26 -12.09 7.13
CA TYR B 388 -25.16 -12.06 8.30
C TYR B 388 -24.79 -10.95 9.24
N ALA B 389 -23.48 -10.69 9.44
CA ALA B 389 -23.01 -9.64 10.30
C ALA B 389 -23.59 -8.29 9.86
N MET B 390 -23.55 -8.02 8.58
CA MET B 390 -24.11 -6.85 8.00
C MET B 390 -25.62 -6.80 8.04
N ALA B 391 -26.25 -7.92 7.88
CA ALA B 391 -27.69 -8.06 7.99
C ALA B 391 -28.15 -7.75 9.41
N HIS B 392 -27.49 -8.34 10.44
CA HIS B 392 -27.79 -8.11 11.87
C HIS B 392 -27.58 -6.63 12.23
N ALA B 393 -26.48 -6.02 11.75
CA ALA B 393 -26.16 -4.61 11.92
C ALA B 393 -27.33 -3.76 11.39
N LEU B 394 -27.79 -4.05 10.14
CA LEU B 394 -28.91 -3.36 9.50
C LEU B 394 -30.23 -3.62 10.20
N HIS B 395 -30.39 -4.80 10.76
CA HIS B 395 -31.60 -5.14 11.50
C HIS B 395 -31.63 -4.34 12.79
N ASN B 396 -30.53 -4.36 13.54
CA ASN B 396 -30.35 -3.61 14.79
C ASN B 396 -30.52 -2.10 14.60
N MET B 397 -30.05 -1.56 13.46
CA MET B 397 -30.20 -0.14 13.13
C MET B 397 -31.66 0.19 12.86
N HIS B 398 -32.38 -0.76 12.20
CA HIS B 398 -33.79 -0.65 11.87
C HIS B 398 -34.61 -0.58 13.12
N ARG B 399 -34.38 -1.50 14.11
CA ARG B 399 -35.05 -1.52 15.41
C ARG B 399 -34.96 -0.15 16.07
N ALA B 400 -33.78 0.45 16.00
CA ALA B 400 -33.55 1.75 16.57
C ALA B 400 -34.11 2.93 15.74
N LEU B 401 -34.02 2.88 14.41
CA LEU B 401 -34.42 4.05 13.62
C LEU B 401 -35.84 4.01 13.03
N CYS B 402 -36.46 2.82 12.95
CA CYS B 402 -37.81 2.55 12.40
C CYS B 402 -38.61 1.71 13.41
N PRO B 403 -38.94 2.26 14.61
CA PRO B 403 -39.64 1.45 15.63
C PRO B 403 -41.08 1.02 15.30
N ASN B 404 -41.80 1.81 14.50
CA ASN B 404 -43.21 1.55 14.23
C ASN B 404 -43.48 0.70 12.97
N THR B 405 -42.42 0.24 12.29
CA THR B 405 -42.57 -0.54 11.05
C THR B 405 -41.46 -1.56 10.85
N THR B 406 -41.75 -2.57 9.99
CA THR B 406 -40.80 -3.60 9.55
C THR B 406 -40.18 -3.14 8.22
N ARG B 407 -40.79 -2.12 7.59
CA ARG B 407 -40.36 -1.58 6.31
C ARG B 407 -39.37 -0.47 6.50
N LEU B 408 -38.58 -0.20 5.46
CA LEU B 408 -37.58 0.86 5.48
C LEU B 408 -38.27 2.23 5.66
N CYS B 409 -38.12 2.83 6.84
CA CYS B 409 -38.68 4.14 7.14
C CYS B 409 -37.72 5.20 6.59
N ASP B 410 -38.17 6.47 6.56
CA ASP B 410 -37.38 7.57 6.03
C ASP B 410 -36.10 7.85 6.81
N ALA B 411 -36.10 7.53 8.11
CA ALA B 411 -34.95 7.73 8.99
C ALA B 411 -33.71 6.93 8.56
N MET B 412 -33.89 5.91 7.67
CA MET B 412 -32.86 5.02 7.15
C MET B 412 -32.74 5.10 5.62
N ARG B 413 -33.16 6.24 5.03
CA ARG B 413 -33.06 6.50 3.60
C ARG B 413 -32.34 7.87 3.50
N PRO B 414 -31.02 7.90 3.23
CA PRO B 414 -30.12 6.75 3.02
C PRO B 414 -29.59 6.26 4.38
N VAL B 415 -28.94 5.10 4.41
CA VAL B 415 -28.33 4.60 5.63
C VAL B 415 -27.00 5.38 5.80
N ASN B 416 -26.75 5.89 7.03
CA ASN B 416 -25.55 6.62 7.39
C ASN B 416 -24.47 5.61 7.73
N GLY B 417 -23.46 5.52 6.87
CA GLY B 417 -22.36 4.55 7.00
C GLY B 417 -21.60 4.63 8.30
N ARG B 418 -21.25 5.86 8.75
CA ARG B 418 -20.52 6.12 10.00
C ARG B 418 -21.23 5.45 11.18
N ARG B 419 -22.53 5.70 11.31
CA ARG B 419 -23.40 5.15 12.34
C ARG B 419 -23.52 3.64 12.17
N LEU B 420 -23.73 3.19 10.93
CA LEU B 420 -23.84 1.76 10.68
C LEU B 420 -22.58 1.02 11.19
N TYR B 421 -21.37 1.48 10.77
CA TYR B 421 -20.14 0.84 11.20
C TYR B 421 -19.90 0.94 12.72
N LYS B 422 -19.77 2.20 13.22
CA LYS B 422 -19.47 2.54 14.60
C LYS B 422 -20.49 2.02 15.64
N ASP B 423 -21.79 2.27 15.43
CA ASP B 423 -22.83 1.92 16.41
C ASP B 423 -23.50 0.56 16.21
N PHE B 424 -23.37 -0.06 15.03
CA PHE B 424 -24.08 -1.31 14.78
C PHE B 424 -23.17 -2.45 14.34
N VAL B 425 -22.34 -2.26 13.33
CA VAL B 425 -21.49 -3.35 12.80
C VAL B 425 -20.55 -3.87 13.89
N LEU B 426 -19.76 -2.96 14.52
CA LEU B 426 -18.83 -3.31 15.58
C LEU B 426 -19.50 -3.92 16.84
N ASN B 427 -20.82 -3.74 16.98
CA ASN B 427 -21.56 -4.20 18.15
C ASN B 427 -22.41 -5.46 17.96
N VAL B 428 -22.46 -6.03 16.77
CA VAL B 428 -23.23 -7.25 16.56
C VAL B 428 -22.71 -8.39 17.48
N LYS B 429 -23.63 -9.26 17.97
CA LYS B 429 -23.36 -10.46 18.76
C LYS B 429 -24.54 -11.40 18.52
N PHE B 430 -24.33 -12.41 17.70
CA PHE B 430 -25.37 -13.38 17.38
C PHE B 430 -24.73 -14.74 17.08
N ASP B 431 -25.46 -15.83 17.38
CA ASP B 431 -24.93 -17.17 17.13
C ASP B 431 -24.83 -17.40 15.62
N ALA B 432 -23.64 -17.86 15.20
CA ALA B 432 -23.31 -18.14 13.81
C ALA B 432 -24.37 -19.08 13.19
N PRO B 433 -25.04 -18.68 12.07
CA PRO B 433 -25.99 -19.63 11.44
C PRO B 433 -25.29 -20.95 11.13
N PHE B 434 -26.02 -22.09 11.25
CA PHE B 434 -25.49 -23.45 10.93
C PHE B 434 -24.34 -23.94 11.85
N ALA B 437 -24.27 -24.03 15.69
CA ALA B 437 -24.76 -24.39 17.03
C ALA B 437 -24.97 -23.14 17.89
N ASP B 438 -26.20 -22.97 18.41
CA ASP B 438 -26.59 -21.80 19.21
C ASP B 438 -26.02 -21.80 20.66
N THR B 439 -24.81 -22.34 20.85
CA THR B 439 -24.17 -22.37 22.16
C THR B 439 -23.48 -21.02 22.46
N HIS B 440 -22.13 -20.95 22.32
CA HIS B 440 -21.30 -19.80 22.65
C HIS B 440 -20.17 -19.52 21.63
N ASN B 441 -20.36 -20.03 20.38
CA ASN B 441 -19.46 -19.76 19.24
C ASN B 441 -20.25 -18.74 18.38
N GLU B 442 -20.03 -17.46 18.68
CA GLU B 442 -20.77 -16.34 18.10
C GLU B 442 -20.04 -15.51 17.06
N VAL B 443 -20.81 -14.59 16.47
CA VAL B 443 -20.32 -13.66 15.47
C VAL B 443 -20.31 -12.31 16.14
N ARG B 444 -19.09 -11.81 16.36
CA ARG B 444 -18.74 -10.54 16.97
C ARG B 444 -17.32 -10.06 16.55
N PHE B 445 -17.08 -8.76 16.69
CA PHE B 445 -15.79 -8.15 16.35
C PHE B 445 -15.11 -7.61 17.61
N ASP B 446 -13.78 -7.74 17.66
CA ASP B 446 -13.01 -7.20 18.77
C ASP B 446 -12.87 -5.67 18.55
N ARG B 447 -12.16 -4.97 19.46
CA ARG B 447 -11.98 -3.51 19.37
C ARG B 447 -11.40 -3.04 18.01
N PHE B 448 -10.60 -3.92 17.35
CA PHE B 448 -10.03 -3.60 16.03
C PHE B 448 -10.87 -4.20 14.87
N GLY B 449 -12.12 -4.59 15.15
CA GLY B 449 -13.02 -5.16 14.16
C GLY B 449 -12.59 -6.49 13.56
N ASP B 450 -11.83 -7.30 14.33
CA ASP B 450 -11.29 -8.59 13.92
C ASP B 450 -12.10 -9.74 14.49
N GLY B 451 -11.77 -10.97 14.05
CA GLY B 451 -12.35 -12.23 14.51
C GLY B 451 -11.45 -12.96 15.49
N ILE B 452 -11.94 -14.11 16.04
CA ILE B 452 -11.19 -14.93 17.04
C ILE B 452 -10.16 -15.93 16.40
N GLY B 453 -8.90 -15.81 16.85
CA GLY B 453 -7.78 -16.64 16.38
C GLY B 453 -7.81 -18.13 16.64
N ARG B 454 -8.66 -18.89 15.87
CA ARG B 454 -8.77 -20.37 15.92
C ARG B 454 -8.32 -21.02 14.57
N TYR B 455 -7.26 -21.83 14.59
CA TYR B 455 -6.69 -22.46 13.40
C TYR B 455 -6.56 -23.98 13.50
N ASN B 456 -6.89 -24.71 12.43
CA ASN B 456 -6.68 -26.14 12.36
C ASN B 456 -5.33 -26.44 11.66
N ILE B 457 -4.57 -27.38 12.18
CA ILE B 457 -3.32 -27.71 11.59
C ILE B 457 -3.40 -29.00 10.82
N PHE B 458 -2.84 -29.01 9.64
CA PHE B 458 -2.95 -30.15 8.73
C PHE B 458 -1.60 -30.61 8.28
N THR B 459 -1.53 -31.89 7.87
CA THR B 459 -0.32 -32.50 7.32
C THR B 459 -0.70 -33.17 6.01
N TYR B 460 0.13 -32.98 4.97
CA TYR B 460 -0.12 -33.60 3.69
C TYR B 460 0.61 -34.95 3.68
N LEU B 461 -0.14 -36.02 3.47
CA LEU B 461 0.38 -37.40 3.50
C LEU B 461 -0.27 -38.33 2.49
N ARG B 462 0.32 -39.54 2.32
CA ARG B 462 -0.23 -40.61 1.49
C ARG B 462 -0.66 -41.77 2.42
N ALA B 463 -1.61 -42.62 1.97
CA ALA B 463 -2.10 -43.74 2.79
C ALA B 463 -2.26 -45.09 2.00
N GLY B 464 -3.45 -45.37 1.46
CA GLY B 464 -3.75 -46.58 0.71
C GLY B 464 -4.00 -46.33 -0.75
N GLY B 466 0.70 -41.87 -3.79
CA GLY B 466 -0.73 -42.14 -3.92
C GLY B 466 -1.31 -43.08 -2.88
N ARG B 467 -2.53 -42.81 -2.34
CA ARG B 467 -3.36 -41.62 -2.61
C ARG B 467 -3.03 -40.52 -1.57
N TYR B 468 -3.14 -39.24 -1.95
CA TYR B 468 -2.81 -38.14 -1.05
C TYR B 468 -4.00 -37.44 -0.38
N ARG B 469 -3.76 -36.92 0.86
CA ARG B 469 -4.78 -36.21 1.65
C ARG B 469 -4.19 -35.22 2.69
N TYR B 470 -5.06 -34.32 3.20
CA TYR B 470 -4.78 -33.37 4.27
C TYR B 470 -5.33 -33.96 5.56
N GLN B 471 -4.47 -34.20 6.54
CA GLN B 471 -4.87 -34.82 7.80
C GLN B 471 -4.82 -33.80 8.94
N LYS B 472 -5.98 -33.55 9.59
CA LYS B 472 -6.07 -32.64 10.73
C LYS B 472 -5.27 -33.24 11.88
N VAL B 473 -4.00 -32.80 12.00
CA VAL B 473 -3.00 -33.26 12.98
C VAL B 473 -2.94 -32.41 14.28
N GLY B 474 -3.73 -31.35 14.38
CA GLY B 474 -3.76 -30.48 15.54
C GLY B 474 -4.55 -29.20 15.37
N TYR B 475 -4.44 -28.29 16.33
CA TYR B 475 -5.11 -26.99 16.31
C TYR B 475 -4.38 -25.93 17.14
N TRP B 476 -4.81 -24.67 17.02
CA TRP B 476 -4.27 -23.52 17.72
C TRP B 476 -5.44 -22.62 18.03
N ALA B 477 -5.69 -22.47 19.31
CA ALA B 477 -6.78 -21.66 19.85
C ALA B 477 -6.28 -21.30 21.22
N GLU B 478 -5.55 -20.17 21.32
CA GLU B 478 -4.88 -19.70 22.54
C GLU B 478 -3.88 -20.77 23.01
N GLY B 479 -2.99 -21.17 22.10
CA GLY B 479 -1.96 -22.18 22.32
C GLY B 479 -2.01 -23.31 21.32
N LEU B 480 -0.84 -23.97 21.06
CA LEU B 480 -0.74 -25.07 20.10
C LEU B 480 -1.11 -26.43 20.72
N THR B 481 -2.01 -27.18 20.06
CA THR B 481 -2.49 -28.48 20.55
C THR B 481 -2.49 -29.52 19.42
N LEU B 482 -1.30 -29.91 18.94
CA LEU B 482 -1.15 -30.94 17.91
C LEU B 482 -1.12 -32.37 18.49
N ASP B 483 -0.90 -33.39 17.64
CA ASP B 483 -0.85 -34.79 18.03
C ASP B 483 0.16 -35.60 17.19
N THR B 484 1.29 -36.02 17.84
CA THR B 484 2.39 -36.79 17.27
C THR B 484 1.94 -38.11 16.60
N SER B 485 0.86 -38.73 17.11
CA SER B 485 0.29 -39.98 16.60
C SER B 485 -0.13 -39.88 15.11
N LEU B 486 -0.85 -38.79 14.75
CA LEU B 486 -1.36 -38.57 13.40
C LEU B 486 -0.29 -38.16 12.39
N ILE B 487 0.76 -37.42 12.82
CA ILE B 487 1.87 -37.05 11.93
C ILE B 487 2.71 -38.32 11.68
N PRO B 488 3.02 -38.67 10.41
CA PRO B 488 3.73 -39.93 10.15
C PRO B 488 5.27 -39.84 10.13
N TRP B 489 5.87 -38.93 10.93
CA TRP B 489 7.34 -38.78 11.00
C TRP B 489 7.82 -38.21 12.33
#